data_6X0P
#
_entry.id   6X0P
#
_cell.length_a   54.131
_cell.length_b   62.315
_cell.length_c   72.969
_cell.angle_alpha   87.756
_cell.angle_beta   85.549
_cell.angle_gamma   90.036
#
_symmetry.space_group_name_H-M   'P 1'
#
loop_
_entity.id
_entity.type
_entity.pdbx_description
1 polymer 'Histone-lysine N-methyltransferase ASH1L'
2 non-polymer 3-[6-(aminomethyl)-1-(2-hydroxyethyl)-1H-indol-3-yl]benzene-1-carbothioamide
3 non-polymer 'ZINC ION'
4 non-polymer S-ADENOSYLMETHIONINE
5 water water
#
_entity_poly.entity_id   1
_entity_poly.type   'polypeptide(L)'
_entity_poly.pdbx_seq_one_letter_code
;GAMAGSYKKIRSNVYVDVKPLSGYEATTCNCKKPDDDTRKGCVDDCLNRMIFAECSPNTCPCGEQCCNQRIQRHEWVQCL
ERFRAEEKGWGIRTKEPLKAGQFIIEYLGEVVSEQEFRNRMIEQYHNHSDHYCLNLDSGMVIDSYRMGNEARFINHSCDP
NCEMQKWSVNGVYRIGLYALKDMPAGTELTYDYNFHSFNVEKAQLCKCGFEKCRGIIGGKSQRVNG
;
_entity_poly.pdbx_strand_id   A,B,C,D
#
loop_
_chem_comp.id
_chem_comp.type
_chem_comp.name
_chem_comp.formula
SAM non-polymer S-ADENOSYLMETHIONINE 'C15 H22 N6 O5 S'
UK7 non-polymer 3-[6-(aminomethyl)-1-(2-hydroxyethyl)-1H-indol-3-yl]benzene-1-carbothioamide 'C18 H19 N3 O S'
ZN non-polymer 'ZINC ION' 'Zn 2'
#
# COMPACT_ATOMS: atom_id res chain seq x y z
N GLY A 1 -37.64 -50.60 -8.33
CA GLY A 1 -36.39 -50.57 -9.07
C GLY A 1 -35.25 -51.21 -8.31
N ALA A 2 -34.05 -51.15 -8.90
CA ALA A 2 -32.90 -51.80 -8.32
C ALA A 2 -32.43 -51.11 -7.05
N MET A 3 -31.69 -51.85 -6.23
CA MET A 3 -31.07 -51.28 -5.05
C MET A 3 -30.03 -50.24 -5.45
N ALA A 4 -29.78 -49.31 -4.52
CA ALA A 4 -28.79 -48.29 -4.75
C ALA A 4 -27.41 -48.92 -4.84
N GLY A 5 -26.54 -48.31 -5.65
CA GLY A 5 -25.18 -48.82 -5.77
C GLY A 5 -24.38 -48.66 -4.50
N SER A 6 -23.50 -49.63 -4.27
CA SER A 6 -22.61 -49.63 -3.12
C SER A 6 -21.47 -48.62 -3.27
N TYR A 7 -21.11 -47.98 -2.16
CA TYR A 7 -19.90 -47.17 -2.12
C TYR A 7 -19.36 -47.12 -0.70
N LYS A 8 -18.07 -46.79 -0.58
CA LYS A 8 -17.44 -46.61 0.72
C LYS A 8 -17.56 -45.15 1.13
N LYS A 9 -18.30 -44.89 2.19
CA LYS A 9 -18.59 -43.52 2.58
C LYS A 9 -17.39 -42.94 3.29
N ILE A 10 -17.00 -41.73 2.87
CA ILE A 10 -15.84 -41.04 3.42
C ILE A 10 -16.33 -39.69 3.92
N ARG A 11 -15.52 -39.06 4.77
CA ARG A 11 -15.86 -37.75 5.28
C ARG A 11 -14.97 -36.66 4.71
N SER A 12 -13.95 -37.02 3.95
CA SER A 12 -13.01 -36.06 3.37
C SER A 12 -12.47 -36.68 2.09
N ASN A 13 -12.14 -35.82 1.12
CA ASN A 13 -11.56 -36.30 -0.13
C ASN A 13 -10.31 -37.14 0.11
N VAL A 14 -10.16 -38.19 -0.69
CA VAL A 14 -9.00 -39.05 -0.68
C VAL A 14 -8.09 -38.66 -1.85
N TYR A 15 -6.84 -38.31 -1.55
CA TYR A 15 -5.91 -37.88 -2.59
C TYR A 15 -5.11 -39.08 -3.07
N VAL A 16 -5.26 -39.43 -4.34
CA VAL A 16 -4.67 -40.68 -4.84
C VAL A 16 -3.30 -40.42 -5.47
N ASP A 17 -3.29 -39.72 -6.62
CA ASP A 17 -2.04 -39.45 -7.32
C ASP A 17 -1.84 -37.97 -7.61
N VAL A 18 -2.73 -37.13 -7.11
CA VAL A 18 -2.64 -35.67 -7.27
C VAL A 18 -3.23 -35.03 -6.03
N LYS A 19 -2.76 -33.83 -5.71
CA LYS A 19 -3.36 -33.06 -4.61
C LYS A 19 -3.76 -31.69 -5.14
N PRO A 20 -5.01 -31.28 -4.96
CA PRO A 20 -5.55 -30.09 -5.64
C PRO A 20 -5.21 -28.78 -4.93
N LEU A 21 -3.93 -28.42 -4.93
CA LEU A 21 -3.50 -27.16 -4.34
C LEU A 21 -4.07 -25.98 -5.11
N SER A 22 -4.59 -25.00 -4.38
CA SER A 22 -5.24 -23.87 -5.01
C SER A 22 -4.29 -22.75 -5.42
N GLY A 23 -3.12 -22.66 -4.78
CA GLY A 23 -2.21 -21.58 -5.07
C GLY A 23 -2.67 -20.21 -4.64
N TYR A 24 -3.73 -20.14 -3.83
CA TYR A 24 -4.22 -18.85 -3.34
C TYR A 24 -3.24 -18.23 -2.37
N GLU A 25 -3.25 -16.90 -2.33
CA GLU A 25 -2.55 -16.18 -1.29
C GLU A 25 -3.21 -16.43 0.06
N ALA A 26 -2.48 -16.15 1.14
CA ALA A 26 -3.09 -16.17 2.46
C ALA A 26 -4.33 -15.29 2.46
N THR A 27 -5.40 -15.77 3.09
CA THR A 27 -6.67 -15.08 3.00
C THR A 27 -6.69 -13.83 3.89
N THR A 28 -7.18 -12.73 3.34
CA THR A 28 -7.36 -11.50 4.07
C THR A 28 -8.67 -10.87 3.60
N CYS A 29 -9.32 -10.13 4.50
CA CYS A 29 -10.48 -9.36 4.12
C CYS A 29 -10.57 -8.12 4.99
N ASN A 30 -11.48 -7.23 4.63
CA ASN A 30 -11.69 -5.99 5.36
C ASN A 30 -12.98 -6.00 6.17
N CYS A 31 -13.54 -7.17 6.45
CA CYS A 31 -14.78 -7.23 7.19
C CYS A 31 -14.56 -6.83 8.65
N LYS A 32 -15.56 -6.19 9.23
CA LYS A 32 -15.53 -5.83 10.64
C LYS A 32 -16.46 -6.75 11.42
N LYS A 33 -16.02 -7.15 12.59
CA LYS A 33 -16.81 -8.05 13.39
C LYS A 33 -17.98 -7.28 13.99
N PRO A 34 -19.22 -7.67 13.71
CA PRO A 34 -20.36 -6.94 14.28
C PRO A 34 -20.28 -6.91 15.79
N ASP A 35 -20.59 -5.74 16.35
CA ASP A 35 -20.59 -5.60 17.80
C ASP A 35 -21.62 -6.53 18.44
N ASP A 36 -22.72 -6.80 17.74
CA ASP A 36 -23.69 -7.76 18.24
C ASP A 36 -23.09 -9.15 18.26
N ASP A 37 -23.06 -9.77 19.44
CA ASP A 37 -22.52 -11.11 19.61
C ASP A 37 -23.10 -12.11 18.61
N THR A 38 -24.33 -11.89 18.13
CA THR A 38 -25.05 -12.90 17.38
C THR A 38 -25.25 -12.55 15.90
N ARG A 39 -24.60 -11.51 15.39
CA ARG A 39 -24.70 -11.17 13.98
C ARG A 39 -23.51 -11.74 13.22
N LYS A 40 -23.79 -12.29 12.04
CA LYS A 40 -22.75 -12.89 11.21
C LYS A 40 -21.85 -11.84 10.56
N GLY A 41 -20.59 -12.21 10.37
CA GLY A 41 -19.65 -11.39 9.63
C GLY A 41 -19.16 -12.13 8.40
N CYS A 42 -18.45 -11.41 7.54
CA CYS A 42 -17.98 -11.92 6.24
C CYS A 42 -19.17 -12.39 5.39
N VAL A 43 -19.98 -11.40 5.02
CA VAL A 43 -21.22 -11.62 4.29
C VAL A 43 -20.92 -11.27 2.84
N ASP A 44 -21.97 -11.11 2.03
CA ASP A 44 -21.86 -10.98 0.58
C ASP A 44 -20.65 -10.22 0.07
N ASP A 45 -20.23 -9.15 0.74
CA ASP A 45 -19.13 -8.31 0.25
C ASP A 45 -17.76 -8.70 0.81
N CYS A 46 -17.65 -9.81 1.54
CA CYS A 46 -16.35 -10.26 2.03
C CYS A 46 -15.36 -10.47 0.89
N LEU A 47 -14.20 -9.85 1.01
CA LEU A 47 -13.20 -9.93 -0.07
C LEU A 47 -12.71 -11.36 -0.29
N ASN A 48 -12.73 -12.20 0.75
CA ASN A 48 -12.42 -13.62 0.55
C ASN A 48 -13.53 -14.32 -0.22
N ARG A 49 -14.77 -14.12 0.22
CA ARG A 49 -15.94 -14.70 -0.45
C ARG A 49 -15.97 -14.35 -1.94
N MET A 50 -15.54 -13.13 -2.28
CA MET A 50 -15.64 -12.65 -3.66
C MET A 50 -14.67 -13.36 -4.60
N ILE A 51 -13.62 -13.99 -4.09
CA ILE A 51 -12.72 -14.78 -4.92
C ILE A 51 -12.89 -16.27 -4.65
N PHE A 52 -14.02 -16.68 -4.05
CA PHE A 52 -14.29 -18.08 -3.72
C PHE A 52 -13.18 -18.64 -2.85
N ALA A 53 -12.72 -17.83 -1.91
CA ALA A 53 -11.81 -18.27 -0.86
C ALA A 53 -12.57 -18.28 0.45
N GLU A 54 -12.48 -19.39 1.19
CA GLU A 54 -13.00 -19.36 2.55
C GLU A 54 -11.98 -18.68 3.44
N CYS A 55 -12.49 -17.99 4.46
CA CYS A 55 -11.61 -17.46 5.49
C CYS A 55 -10.88 -18.60 6.18
N SER A 56 -9.70 -18.29 6.70
CA SER A 56 -8.86 -19.31 7.29
C SER A 56 -8.96 -19.26 8.81
N PRO A 57 -8.59 -20.35 9.49
CA PRO A 57 -8.61 -20.32 10.95
C PRO A 57 -7.64 -19.26 11.45
N ASN A 58 -8.02 -18.63 12.56
CA ASN A 58 -7.21 -17.75 13.39
C ASN A 58 -6.98 -16.38 12.77
N THR A 59 -7.29 -16.14 11.50
CA THR A 59 -6.91 -14.88 10.89
C THR A 59 -8.10 -14.07 10.40
N CYS A 60 -9.31 -14.60 10.48
CA CYS A 60 -10.46 -13.81 10.07
C CYS A 60 -10.74 -12.73 11.11
N PRO A 61 -10.92 -11.48 10.70
CA PRO A 61 -11.23 -10.42 11.68
C PRO A 61 -12.55 -10.61 12.40
N CYS A 62 -13.47 -11.41 11.87
CA CYS A 62 -14.73 -11.67 12.53
C CYS A 62 -14.67 -12.82 13.53
N GLY A 63 -13.56 -13.55 13.59
CA GLY A 63 -13.45 -14.60 14.60
C GLY A 63 -14.51 -15.67 14.42
N GLU A 64 -15.16 -16.04 15.53
CA GLU A 64 -16.16 -17.10 15.43
C GLU A 64 -17.49 -16.61 14.86
N GLN A 65 -17.60 -15.31 14.54
CA GLN A 65 -18.78 -14.78 13.87
C GLN A 65 -18.70 -14.87 12.35
N CYS A 66 -17.57 -15.33 11.80
CA CYS A 66 -17.41 -15.48 10.36
C CYS A 66 -18.34 -16.57 9.82
N CYS A 67 -19.12 -16.24 8.78
CA CYS A 67 -19.98 -17.23 8.16
C CYS A 67 -19.44 -17.74 6.84
N ASN A 68 -18.15 -17.51 6.58
CA ASN A 68 -17.50 -17.86 5.33
C ASN A 68 -16.49 -18.99 5.53
N GLN A 69 -16.88 -20.00 6.32
CA GLN A 69 -16.09 -21.20 6.49
C GLN A 69 -16.99 -22.43 6.38
N ARG A 70 -17.91 -22.39 5.41
CA ARG A 70 -18.96 -23.41 5.31
C ARG A 70 -18.40 -24.78 4.96
N ILE A 71 -17.53 -24.85 3.94
CA ILE A 71 -16.97 -26.15 3.56
C ILE A 71 -16.08 -26.70 4.65
N GLN A 72 -15.16 -25.89 5.16
CA GLN A 72 -14.20 -26.42 6.12
C GLN A 72 -14.86 -26.82 7.44
N ARG A 73 -15.96 -26.18 7.81
CA ARG A 73 -16.70 -26.60 9.01
C ARG A 73 -17.77 -27.64 8.70
N HIS A 74 -17.83 -28.12 7.46
CA HIS A 74 -18.79 -29.15 7.03
C HIS A 74 -20.22 -28.76 7.38
N GLU A 75 -20.60 -27.52 7.04
CA GLU A 75 -21.91 -27.00 7.42
C GLU A 75 -22.97 -27.43 6.38
N TRP A 76 -23.05 -28.75 6.19
CA TRP A 76 -24.00 -29.32 5.24
C TRP A 76 -25.42 -29.22 5.75
N VAL A 77 -26.38 -29.12 4.82
CA VAL A 77 -27.78 -29.17 5.25
C VAL A 77 -28.08 -30.57 5.76
N GLN A 78 -29.01 -30.65 6.72
CA GLN A 78 -29.26 -31.90 7.41
C GLN A 78 -30.59 -32.54 7.00
N CYS A 79 -31.16 -32.09 5.88
CA CYS A 79 -32.50 -32.46 5.44
C CYS A 79 -32.49 -33.18 4.10
N LEU A 80 -31.42 -33.88 3.77
CA LEU A 80 -31.32 -34.57 2.49
C LEU A 80 -31.81 -36.01 2.60
N GLU A 81 -32.46 -36.48 1.53
CA GLU A 81 -33.01 -37.83 1.49
C GLU A 81 -32.69 -38.46 0.14
N ARG A 82 -32.16 -39.68 0.17
CA ARG A 82 -31.95 -40.45 -1.05
C ARG A 82 -33.26 -41.14 -1.40
N PHE A 83 -33.66 -41.04 -2.66
CA PHE A 83 -34.98 -41.53 -3.04
C PHE A 83 -35.00 -41.99 -4.49
N ARG A 84 -36.05 -42.74 -4.84
CA ARG A 84 -36.24 -43.22 -6.20
C ARG A 84 -36.77 -42.08 -7.06
N ALA A 85 -35.94 -41.61 -7.99
CA ALA A 85 -36.31 -40.58 -8.94
C ALA A 85 -36.72 -41.26 -10.24
N GLU A 86 -37.97 -41.07 -10.63
CA GLU A 86 -38.51 -41.81 -11.76
C GLU A 86 -37.65 -41.65 -12.99
N GLU A 87 -37.29 -42.80 -13.57
CA GLU A 87 -36.50 -42.94 -14.80
C GLU A 87 -35.05 -42.52 -14.61
N LYS A 88 -34.64 -42.16 -13.40
CA LYS A 88 -33.28 -41.68 -13.17
C LYS A 88 -32.64 -42.39 -12.00
N GLY A 89 -33.04 -43.63 -11.75
CA GLY A 89 -32.41 -44.39 -10.67
C GLY A 89 -32.67 -43.75 -9.32
N TRP A 90 -31.60 -43.59 -8.54
CA TRP A 90 -31.67 -42.92 -7.25
C TRP A 90 -31.27 -41.46 -7.42
N GLY A 91 -31.92 -40.58 -6.65
CA GLY A 91 -31.54 -39.18 -6.60
C GLY A 91 -31.55 -38.68 -5.17
N ILE A 92 -31.25 -37.39 -5.00
CA ILE A 92 -31.28 -36.74 -3.70
C ILE A 92 -32.32 -35.63 -3.73
N ARG A 93 -33.16 -35.55 -2.70
CA ARG A 93 -34.10 -34.46 -2.57
C ARG A 93 -33.93 -33.79 -1.20
N THR A 94 -34.42 -32.56 -1.09
CA THR A 94 -34.40 -31.86 0.17
C THR A 94 -35.78 -31.97 0.83
N LYS A 95 -35.79 -32.22 2.14
CA LYS A 95 -37.03 -32.34 2.87
C LYS A 95 -37.51 -31.02 3.46
N GLU A 96 -36.69 -29.99 3.39
CA GLU A 96 -36.98 -28.65 3.87
C GLU A 96 -36.71 -27.67 2.75
N PRO A 97 -37.31 -26.48 2.79
CA PRO A 97 -37.04 -25.50 1.74
C PRO A 97 -35.60 -25.02 1.81
N LEU A 98 -35.03 -24.74 0.64
CA LEU A 98 -33.70 -24.17 0.53
C LEU A 98 -33.81 -22.81 -0.13
N LYS A 99 -32.81 -21.95 0.13
CA LYS A 99 -32.80 -20.59 -0.38
C LYS A 99 -31.73 -20.42 -1.45
N ALA A 100 -32.02 -19.58 -2.44
CA ALA A 100 -31.06 -19.29 -3.50
C ALA A 100 -29.70 -18.94 -2.90
N GLY A 101 -28.65 -19.56 -3.47
CA GLY A 101 -27.29 -19.31 -3.07
C GLY A 101 -26.77 -20.15 -1.93
N GLN A 102 -27.61 -20.91 -1.25
CA GLN A 102 -27.18 -21.48 0.00
C GLN A 102 -26.35 -22.74 -0.22
N PHE A 103 -25.35 -22.91 0.64
CA PHE A 103 -24.53 -24.11 0.62
C PHE A 103 -25.35 -25.32 1.02
N ILE A 104 -25.17 -26.42 0.29
CA ILE A 104 -25.92 -27.65 0.53
C ILE A 104 -25.03 -28.78 1.06
N ILE A 105 -23.98 -29.13 0.32
CA ILE A 105 -23.14 -30.27 0.67
C ILE A 105 -21.86 -30.24 -0.15
N GLU A 106 -20.76 -30.79 0.40
CA GLU A 106 -19.55 -30.95 -0.36
C GLU A 106 -19.60 -32.24 -1.17
N TYR A 107 -19.13 -32.18 -2.41
CA TYR A 107 -18.97 -33.39 -3.21
C TYR A 107 -17.64 -34.05 -2.86
N LEU A 108 -17.69 -35.28 -2.34
CA LEU A 108 -16.49 -35.98 -1.90
C LEU A 108 -16.16 -37.17 -2.81
N GLY A 109 -14.89 -37.53 -2.86
CA GLY A 109 -14.48 -38.73 -3.55
C GLY A 109 -12.99 -38.90 -3.55
N GLU A 110 -12.51 -39.74 -4.48
CA GLU A 110 -11.09 -39.90 -4.74
C GLU A 110 -10.63 -38.87 -5.77
N VAL A 111 -9.64 -38.08 -5.41
CA VAL A 111 -9.09 -37.07 -6.31
C VAL A 111 -7.96 -37.73 -7.09
N VAL A 112 -8.13 -37.83 -8.40
CA VAL A 112 -7.21 -38.56 -9.27
C VAL A 112 -6.93 -37.73 -10.51
N SER A 113 -5.80 -38.02 -11.15
CA SER A 113 -5.49 -37.41 -12.43
C SER A 113 -6.46 -37.89 -13.51
N GLU A 114 -6.58 -37.10 -14.57
CA GLU A 114 -7.35 -37.58 -15.72
C GLU A 114 -6.75 -38.86 -16.29
N GLN A 115 -5.44 -39.03 -16.14
CA GLN A 115 -4.78 -40.27 -16.58
C GLN A 115 -5.24 -41.45 -15.75
N GLU A 116 -5.16 -41.33 -14.41
CA GLU A 116 -5.61 -42.40 -13.55
C GLU A 116 -7.07 -42.74 -13.81
N PHE A 117 -7.89 -41.71 -14.04
CA PHE A 117 -9.32 -41.99 -14.20
C PHE A 117 -9.61 -42.68 -15.52
N ARG A 118 -9.00 -42.21 -16.61
CA ARG A 118 -9.14 -42.91 -17.88
C ARG A 118 -8.65 -44.35 -17.77
N ASN A 119 -7.64 -44.60 -16.94
CA ASN A 119 -7.22 -45.97 -16.65
C ASN A 119 -8.31 -46.73 -15.92
N ARG A 120 -8.89 -46.11 -14.88
CA ARG A 120 -9.95 -46.78 -14.13
C ARG A 120 -11.17 -47.05 -15.00
N MET A 121 -11.45 -46.17 -15.97
CA MET A 121 -12.57 -46.38 -16.86
C MET A 121 -12.39 -47.62 -17.71
N ILE A 122 -11.18 -47.84 -18.24
CA ILE A 122 -10.95 -48.99 -19.10
C ILE A 122 -10.96 -50.28 -18.30
N GLU A 123 -10.29 -50.28 -17.14
CA GLU A 123 -10.08 -51.51 -16.38
C GLU A 123 -11.23 -51.83 -15.44
N GLN A 124 -11.82 -50.83 -14.81
CA GLN A 124 -12.78 -51.07 -13.73
C GLN A 124 -14.20 -50.61 -14.03
N TYR A 125 -14.40 -49.53 -14.78
CA TYR A 125 -15.71 -48.90 -14.93
C TYR A 125 -16.38 -49.14 -16.29
N HIS A 126 -15.78 -49.97 -17.14
CA HIS A 126 -16.31 -50.15 -18.50
C HIS A 126 -17.69 -50.79 -18.52
N ASN A 127 -18.06 -51.56 -17.49
CA ASN A 127 -19.35 -52.22 -17.42
C ASN A 127 -20.45 -51.36 -16.80
N HIS A 128 -20.12 -50.18 -16.29
CA HIS A 128 -21.05 -49.42 -15.47
C HIS A 128 -22.17 -48.80 -16.30
N SER A 129 -23.38 -48.78 -15.72
CA SER A 129 -24.52 -48.09 -16.30
C SER A 129 -24.83 -46.77 -15.58
N ASP A 130 -24.11 -46.46 -14.50
CA ASP A 130 -24.17 -45.16 -13.84
C ASP A 130 -22.74 -44.68 -13.63
N HIS A 131 -22.52 -43.37 -13.78
CA HIS A 131 -21.19 -42.79 -13.73
C HIS A 131 -21.11 -41.73 -12.64
N TYR A 132 -19.91 -41.59 -12.06
CA TYR A 132 -19.70 -40.88 -10.79
C TYR A 132 -18.41 -40.04 -10.82
N CYS A 133 -18.30 -39.10 -11.76
CA CYS A 133 -17.02 -38.40 -11.91
C CYS A 133 -17.24 -36.91 -12.15
N LEU A 134 -16.74 -36.10 -11.22
CA LEU A 134 -16.88 -34.64 -11.24
C LEU A 134 -15.57 -34.00 -11.67
N ASN A 135 -15.68 -32.90 -12.41
CA ASN A 135 -14.50 -32.11 -12.70
C ASN A 135 -14.04 -31.36 -11.46
N LEU A 136 -12.74 -31.19 -11.32
CA LEU A 136 -12.19 -30.41 -10.21
C LEU A 136 -11.33 -29.25 -10.69
N ASP A 137 -10.22 -29.54 -11.35
CA ASP A 137 -9.24 -28.54 -11.76
C ASP A 137 -8.55 -29.10 -12.98
N SER A 138 -7.63 -28.33 -13.54
CA SER A 138 -6.91 -28.79 -14.73
C SER A 138 -6.27 -30.14 -14.47
N GLY A 139 -6.72 -31.17 -15.20
CA GLY A 139 -6.09 -32.47 -15.16
C GLY A 139 -6.47 -33.37 -14.01
N MET A 140 -7.43 -32.98 -13.19
CA MET A 140 -7.81 -33.78 -12.02
C MET A 140 -9.32 -33.82 -11.93
N VAL A 141 -9.82 -34.90 -11.33
CA VAL A 141 -11.25 -35.13 -11.19
C VAL A 141 -11.51 -35.72 -9.81
N ILE A 142 -12.77 -35.66 -9.39
CA ILE A 142 -13.24 -36.35 -8.19
C ILE A 142 -14.01 -37.59 -8.65
N ASP A 143 -13.44 -38.75 -8.39
CA ASP A 143 -14.02 -40.04 -8.76
C ASP A 143 -14.77 -40.58 -7.55
N SER A 144 -16.10 -40.65 -7.65
CA SER A 144 -16.90 -41.21 -6.57
C SER A 144 -17.51 -42.55 -6.97
N TYR A 145 -16.90 -43.26 -7.93
CA TYR A 145 -17.40 -44.59 -8.29
C TYR A 145 -17.30 -45.56 -7.12
N ARG A 146 -16.24 -45.44 -6.30
CA ARG A 146 -16.00 -46.38 -5.22
C ARG A 146 -16.09 -45.80 -3.83
N MET A 147 -15.71 -44.52 -3.65
CA MET A 147 -15.79 -43.86 -2.36
C MET A 147 -16.33 -42.46 -2.56
N GLY A 148 -17.05 -41.97 -1.55
CA GLY A 148 -17.60 -40.62 -1.63
C GLY A 148 -18.65 -40.38 -0.59
N ASN A 149 -19.68 -39.61 -0.94
CA ASN A 149 -20.78 -39.35 -0.01
C ASN A 149 -22.07 -39.28 -0.81
N GLU A 150 -23.14 -38.84 -0.16
CA GLU A 150 -24.46 -38.93 -0.78
C GLU A 150 -24.62 -37.94 -1.93
N ALA A 151 -23.74 -36.97 -2.07
CA ALA A 151 -23.79 -36.10 -3.24
C ALA A 151 -23.59 -36.90 -4.54
N ARG A 152 -22.98 -38.08 -4.47
CA ARG A 152 -22.82 -38.89 -5.67
C ARG A 152 -24.14 -39.31 -6.29
N PHE A 153 -25.25 -39.27 -5.54
CA PHE A 153 -26.53 -39.66 -6.12
C PHE A 153 -27.30 -38.50 -6.74
N ILE A 154 -26.70 -37.33 -6.84
CA ILE A 154 -27.44 -36.18 -7.37
C ILE A 154 -27.45 -36.26 -8.88
N ASN A 155 -28.64 -36.12 -9.46
CA ASN A 155 -28.84 -36.31 -10.88
C ASN A 155 -28.63 -35.03 -11.67
N HIS A 156 -28.52 -35.21 -12.99
CA HIS A 156 -28.38 -34.12 -13.95
C HIS A 156 -29.73 -33.52 -14.32
N SER A 157 -29.74 -32.21 -14.54
CA SER A 157 -30.85 -31.58 -15.24
C SER A 157 -30.30 -30.58 -16.23
N CYS A 158 -30.93 -30.51 -17.40
CA CYS A 158 -30.66 -29.44 -18.35
C CYS A 158 -31.19 -28.10 -17.87
N ASP A 159 -32.02 -28.10 -16.83
CA ASP A 159 -32.55 -26.88 -16.22
C ASP A 159 -32.35 -27.02 -14.72
N PRO A 160 -31.11 -26.89 -14.27
CA PRO A 160 -30.76 -27.30 -12.91
C PRO A 160 -31.20 -26.29 -11.85
N ASN A 161 -31.38 -26.79 -10.63
CA ASN A 161 -31.69 -25.90 -9.51
C ASN A 161 -30.50 -25.71 -8.58
N CYS A 162 -29.39 -26.42 -8.80
CA CYS A 162 -28.16 -26.29 -8.03
C CYS A 162 -26.99 -26.16 -8.99
N GLU A 163 -25.84 -25.77 -8.44
CA GLU A 163 -24.59 -25.73 -9.20
C GLU A 163 -23.44 -26.14 -8.29
N MET A 164 -22.35 -26.59 -8.90
CA MET A 164 -21.10 -26.78 -8.17
C MET A 164 -20.26 -25.51 -8.21
N GLN A 165 -19.58 -25.22 -7.11
CA GLN A 165 -18.63 -24.12 -7.03
C GLN A 165 -17.30 -24.64 -6.50
N LYS A 166 -16.20 -24.19 -7.12
CA LYS A 166 -14.86 -24.58 -6.69
C LYS A 166 -14.30 -23.50 -5.78
N TRP A 167 -13.92 -23.89 -4.56
CA TRP A 167 -13.48 -22.95 -3.55
C TRP A 167 -12.10 -23.32 -3.06
N SER A 168 -11.28 -22.30 -2.78
CA SER A 168 -10.03 -22.51 -2.07
C SER A 168 -10.32 -22.57 -0.57
N VAL A 169 -10.01 -23.70 0.04
CA VAL A 169 -10.32 -23.95 1.44
C VAL A 169 -8.99 -24.31 2.10
N ASN A 170 -8.36 -23.33 2.73
CA ASN A 170 -7.08 -23.52 3.41
C ASN A 170 -6.04 -24.14 2.48
N GLY A 171 -5.95 -23.58 1.27
CA GLY A 171 -4.91 -23.92 0.33
C GLY A 171 -5.23 -25.04 -0.64
N VAL A 172 -6.40 -25.67 -0.52
CA VAL A 172 -6.75 -26.79 -1.38
C VAL A 172 -8.13 -26.51 -1.98
N TYR A 173 -8.28 -26.86 -3.27
CA TYR A 173 -9.58 -26.76 -3.93
C TYR A 173 -10.52 -27.84 -3.43
N ARG A 174 -11.74 -27.44 -3.06
CA ARG A 174 -12.82 -28.36 -2.74
C ARG A 174 -14.07 -27.89 -3.49
N ILE A 175 -14.96 -28.83 -3.78
CA ILE A 175 -16.13 -28.56 -4.60
C ILE A 175 -17.37 -28.69 -3.74
N GLY A 176 -18.19 -27.65 -3.73
CA GLY A 176 -19.45 -27.73 -3.01
C GLY A 176 -20.64 -27.54 -3.93
N LEU A 177 -21.79 -28.05 -3.49
CA LEU A 177 -23.05 -27.85 -4.19
C LEU A 177 -23.81 -26.71 -3.53
N TYR A 178 -24.29 -25.77 -4.34
CA TYR A 178 -25.00 -24.60 -3.87
C TYR A 178 -26.29 -24.42 -4.65
N ALA A 179 -27.32 -23.94 -3.98
CA ALA A 179 -28.59 -23.72 -4.64
C ALA A 179 -28.50 -22.55 -5.62
N LEU A 180 -29.09 -22.74 -6.80
CA LEU A 180 -29.22 -21.63 -7.75
C LEU A 180 -30.47 -20.79 -7.51
N LYS A 181 -31.47 -21.37 -6.88
CA LYS A 181 -32.78 -20.76 -6.75
C LYS A 181 -33.41 -21.29 -5.47
N ASP A 182 -34.39 -20.57 -4.94
CA ASP A 182 -35.25 -21.13 -3.90
C ASP A 182 -35.90 -22.42 -4.39
N MET A 183 -36.03 -23.40 -3.48
CA MET A 183 -36.63 -24.71 -3.80
C MET A 183 -37.53 -25.14 -2.65
N PRO A 184 -38.74 -25.58 -2.92
CA PRO A 184 -39.63 -26.03 -1.83
C PRO A 184 -39.27 -27.43 -1.35
N ALA A 185 -39.84 -27.80 -0.20
CA ALA A 185 -39.64 -29.12 0.35
C ALA A 185 -40.04 -30.21 -0.65
N GLY A 186 -39.25 -31.28 -0.68
CA GLY A 186 -39.47 -32.40 -1.58
C GLY A 186 -38.75 -32.29 -2.91
N THR A 187 -38.14 -31.14 -3.19
CA THR A 187 -37.52 -30.92 -4.50
C THR A 187 -36.30 -31.82 -4.68
N GLU A 188 -36.22 -32.47 -5.84
CA GLU A 188 -35.01 -33.21 -6.19
C GLU A 188 -33.89 -32.24 -6.57
N LEU A 189 -32.72 -32.41 -5.96
CA LEU A 189 -31.56 -31.58 -6.31
C LEU A 189 -30.98 -32.00 -7.64
N THR A 190 -30.65 -31.02 -8.49
CA THR A 190 -30.04 -31.31 -9.78
C THR A 190 -28.95 -30.30 -10.07
N TYR A 191 -27.97 -30.72 -10.88
CA TYR A 191 -27.03 -29.75 -11.44
C TYR A 191 -26.73 -30.14 -12.88
N ASP A 192 -26.13 -29.23 -13.64
CA ASP A 192 -25.91 -29.45 -15.06
C ASP A 192 -24.55 -30.13 -15.26
N TYR A 193 -24.58 -31.43 -15.61
CA TYR A 193 -23.33 -32.17 -15.81
C TYR A 193 -22.52 -31.59 -16.96
N ASN A 194 -23.18 -30.97 -17.94
CA ASN A 194 -22.43 -30.35 -19.02
C ASN A 194 -21.45 -29.32 -18.48
N PHE A 195 -21.81 -28.62 -17.41
CA PHE A 195 -20.95 -27.60 -16.83
C PHE A 195 -19.95 -28.16 -15.83
N HIS A 196 -20.33 -29.18 -15.05
CA HIS A 196 -19.56 -29.52 -13.86
C HIS A 196 -18.94 -30.91 -13.88
N SER A 197 -19.38 -31.79 -14.77
CA SER A 197 -19.02 -33.20 -14.68
C SER A 197 -17.99 -33.56 -15.75
N PHE A 198 -17.17 -34.56 -15.43
CA PHE A 198 -16.20 -35.06 -16.39
C PHE A 198 -16.89 -35.74 -17.57
N ASN A 199 -16.40 -35.49 -18.78
CA ASN A 199 -17.02 -36.08 -19.96
C ASN A 199 -16.59 -37.54 -20.06
N VAL A 200 -17.42 -38.45 -19.55
CA VAL A 200 -17.08 -39.88 -19.61
C VAL A 200 -17.27 -40.46 -21.00
N GLU A 201 -17.79 -39.67 -21.94
CA GLU A 201 -17.94 -40.07 -23.34
C GLU A 201 -18.87 -41.28 -23.48
N LYS A 202 -19.92 -41.29 -22.65
CA LYS A 202 -21.02 -42.25 -22.73
C LYS A 202 -22.29 -41.47 -23.02
N ALA A 203 -23.09 -41.96 -23.97
CA ALA A 203 -24.35 -41.33 -24.32
C ALA A 203 -25.48 -41.98 -23.55
N GLN A 204 -26.18 -41.19 -22.72
CA GLN A 204 -27.32 -41.67 -21.96
C GLN A 204 -28.49 -40.71 -22.17
N LEU A 205 -29.68 -41.27 -22.36
CA LEU A 205 -30.87 -40.45 -22.57
C LEU A 205 -31.18 -39.66 -21.30
N CYS A 206 -31.42 -38.36 -21.46
CA CYS A 206 -31.73 -37.50 -20.32
C CYS A 206 -33.24 -37.48 -20.08
N LYS A 207 -33.63 -37.74 -18.84
CA LYS A 207 -35.03 -37.74 -18.46
C LYS A 207 -35.39 -36.55 -17.58
N CYS A 208 -34.68 -35.41 -17.75
CA CYS A 208 -34.91 -34.29 -16.84
C CYS A 208 -36.27 -33.65 -17.04
N GLY A 209 -36.90 -33.81 -18.21
CA GLY A 209 -38.23 -33.31 -18.44
C GLY A 209 -38.31 -31.87 -18.89
N PHE A 210 -37.17 -31.21 -19.07
CA PHE A 210 -37.13 -29.81 -19.46
C PHE A 210 -37.62 -29.65 -20.90
N GLU A 211 -38.36 -28.57 -21.14
CA GLU A 211 -38.82 -28.25 -22.49
C GLU A 211 -37.68 -28.25 -23.50
N LYS A 212 -36.51 -27.74 -23.08
CA LYS A 212 -35.33 -27.63 -23.93
C LYS A 212 -34.23 -28.61 -23.47
N CYS A 213 -34.66 -29.79 -23.01
CA CYS A 213 -33.72 -30.86 -22.67
C CYS A 213 -32.79 -31.13 -23.84
N ARG A 214 -31.52 -31.37 -23.52
CA ARG A 214 -30.48 -31.62 -24.51
C ARG A 214 -30.56 -33.02 -25.12
N GLY A 215 -31.44 -33.87 -24.64
CA GLY A 215 -31.65 -35.20 -25.18
C GLY A 215 -30.78 -36.26 -24.57
N ILE A 216 -29.49 -36.00 -24.48
CA ILE A 216 -28.59 -36.88 -23.75
C ILE A 216 -27.84 -36.05 -22.72
N ILE A 217 -27.36 -36.75 -21.69
CA ILE A 217 -26.70 -36.07 -20.59
C ILE A 217 -25.36 -35.52 -21.07
N GLY A 218 -25.14 -34.24 -20.79
CA GLY A 218 -23.93 -33.55 -21.23
C GLY A 218 -23.97 -33.04 -22.65
N GLY A 219 -25.01 -33.35 -23.41
CA GLY A 219 -25.17 -32.84 -24.76
C GLY A 219 -25.42 -31.35 -24.81
N GLY B 1 -10.83 -32.44 -15.40
CA GLY B 1 -10.51 -31.14 -15.95
C GLY B 1 -11.22 -29.99 -15.25
N ALA B 2 -11.01 -28.78 -15.73
CA ALA B 2 -11.71 -27.63 -15.19
C ALA B 2 -13.18 -27.68 -15.61
N MET B 3 -14.04 -27.18 -14.73
CA MET B 3 -15.45 -27.06 -15.08
C MET B 3 -15.63 -25.98 -16.15
N ALA B 4 -16.81 -25.96 -16.77
CA ALA B 4 -17.05 -25.03 -17.87
C ALA B 4 -17.12 -23.60 -17.34
N GLY B 5 -16.60 -22.66 -18.13
CA GLY B 5 -16.59 -21.28 -17.71
C GLY B 5 -15.62 -20.99 -16.59
N SER B 6 -14.63 -21.86 -16.38
CA SER B 6 -13.73 -21.75 -15.25
C SER B 6 -12.70 -20.65 -15.46
N TYR B 7 -12.40 -19.92 -14.39
CA TYR B 7 -11.38 -18.90 -14.44
C TYR B 7 -10.88 -18.68 -13.01
N LYS B 8 -9.73 -18.02 -12.90
CA LYS B 8 -9.15 -17.71 -11.60
C LYS B 8 -9.71 -16.38 -11.12
N LYS B 9 -10.40 -16.39 -9.98
CA LYS B 9 -10.93 -15.15 -9.42
C LYS B 9 -9.81 -14.40 -8.71
N ILE B 10 -9.61 -13.14 -9.11
CA ILE B 10 -8.54 -12.32 -8.55
C ILE B 10 -9.13 -11.14 -7.80
N ARG B 11 -8.36 -10.64 -6.81
CA ARG B 11 -8.77 -9.49 -6.01
C ARG B 11 -8.57 -8.17 -6.75
N SER B 12 -7.54 -8.07 -7.59
CA SER B 12 -7.27 -6.85 -8.36
C SER B 12 -6.44 -7.23 -9.57
N ASN B 13 -6.16 -6.24 -10.41
CA ASN B 13 -5.52 -6.51 -11.70
C ASN B 13 -4.13 -7.09 -11.52
N VAL B 14 -3.79 -8.04 -12.39
CA VAL B 14 -2.45 -8.61 -12.46
C VAL B 14 -1.72 -7.93 -13.63
N TYR B 15 -0.59 -7.31 -13.35
CA TYR B 15 0.21 -6.67 -14.40
C TYR B 15 1.25 -7.65 -14.92
N VAL B 16 1.22 -7.94 -16.22
CA VAL B 16 2.13 -8.96 -16.74
C VAL B 16 3.38 -8.35 -17.36
N ASP B 17 3.23 -7.63 -18.46
CA ASP B 17 4.38 -6.99 -19.09
C ASP B 17 4.20 -5.48 -19.22
N VAL B 18 3.11 -4.93 -18.70
CA VAL B 18 2.85 -3.50 -18.74
C VAL B 18 2.06 -3.12 -17.50
N LYS B 19 2.10 -1.83 -17.16
CA LYS B 19 1.33 -1.28 -16.06
C LYS B 19 0.76 0.05 -16.56
N PRO B 20 -0.54 0.28 -16.40
CA PRO B 20 -1.17 1.50 -16.96
C PRO B 20 -1.03 2.69 -16.02
N LEU B 21 0.11 3.37 -16.13
CA LEU B 21 0.44 4.44 -15.19
C LEU B 21 -0.34 5.71 -15.52
N SER B 22 -0.87 6.36 -14.46
CA SER B 22 -1.63 7.58 -14.62
C SER B 22 -0.94 8.81 -14.06
N GLY B 23 0.21 8.65 -13.40
CA GLY B 23 0.93 9.80 -12.89
C GLY B 23 0.34 10.37 -11.61
N TYR B 24 0.51 11.68 -11.47
CA TYR B 24 0.24 12.40 -10.22
C TYR B 24 -1.16 12.11 -9.68
N GLU B 25 -1.22 11.70 -8.42
CA GLU B 25 -2.50 11.39 -7.79
C GLU B 25 -3.38 12.64 -7.71
N ALA B 26 -4.63 12.43 -7.32
CA ALA B 26 -5.56 13.53 -7.21
C ALA B 26 -5.08 14.52 -6.15
N THR B 27 -5.11 15.80 -6.48
CA THR B 27 -4.86 16.82 -5.49
C THR B 27 -6.03 16.89 -4.51
N THR B 28 -5.90 17.79 -3.55
CA THR B 28 -7.01 18.12 -2.68
C THR B 28 -8.06 18.87 -3.47
N CYS B 29 -9.28 18.35 -3.51
CA CYS B 29 -10.36 19.05 -4.16
C CYS B 29 -10.87 20.18 -3.27
N ASN B 30 -11.95 20.84 -3.70
CA ASN B 30 -12.53 21.96 -2.97
C ASN B 30 -13.89 21.62 -2.37
N CYS B 31 -14.21 20.33 -2.27
CA CYS B 31 -15.49 19.95 -1.69
C CYS B 31 -15.46 20.23 -0.20
N LYS B 32 -16.60 20.66 0.32
CA LYS B 32 -16.72 20.94 1.75
C LYS B 32 -17.00 19.64 2.47
N LYS B 33 -16.09 19.24 3.35
CA LYS B 33 -16.35 18.12 4.23
C LYS B 33 -17.56 18.46 5.08
N PRO B 34 -18.67 17.75 4.92
CA PRO B 34 -19.86 18.10 5.68
C PRO B 34 -19.64 17.92 7.19
N ASP B 35 -20.38 18.69 7.98
CA ASP B 35 -20.11 18.75 9.41
C ASP B 35 -20.47 17.48 10.16
N ASP B 36 -21.11 16.50 9.54
CA ASP B 36 -21.48 15.27 10.22
C ASP B 36 -20.81 14.08 9.53
N ASP B 37 -20.09 13.27 10.33
CA ASP B 37 -19.34 12.14 9.79
C ASP B 37 -20.19 11.16 9.01
N THR B 38 -21.52 11.27 9.09
CA THR B 38 -22.43 10.37 8.40
C THR B 38 -22.86 10.87 7.02
N ARG B 39 -22.47 12.08 6.63
CA ARG B 39 -22.94 12.68 5.39
C ARG B 39 -21.94 12.52 4.26
N LYS B 40 -22.45 12.59 3.03
CA LYS B 40 -21.65 12.35 1.84
C LYS B 40 -20.88 13.58 1.39
N GLY B 41 -19.94 13.36 0.45
CA GLY B 41 -19.16 14.43 -0.14
C GLY B 41 -18.56 13.98 -1.45
N CYS B 42 -17.96 14.93 -2.15
CA CYS B 42 -17.29 14.68 -3.43
C CYS B 42 -18.23 14.01 -4.44
N VAL B 43 -19.43 14.58 -4.58
CA VAL B 43 -20.44 14.06 -5.48
C VAL B 43 -20.89 15.09 -6.50
N ASP B 44 -21.16 16.32 -6.04
CA ASP B 44 -21.59 17.40 -6.92
C ASP B 44 -20.37 18.25 -7.27
N ASP B 45 -19.94 18.18 -8.53
CA ASP B 45 -18.89 19.03 -9.06
C ASP B 45 -17.58 18.93 -8.26
N CYS B 46 -17.24 17.70 -7.83
CA CYS B 46 -15.93 17.48 -7.25
C CYS B 46 -14.86 17.67 -8.32
N LEU B 47 -13.87 18.51 -8.02
CA LEU B 47 -12.82 18.84 -8.98
C LEU B 47 -12.13 17.57 -9.50
N ASN B 48 -11.94 16.58 -8.64
CA ASN B 48 -11.31 15.34 -9.08
C ASN B 48 -12.28 14.47 -9.88
N ARG B 49 -13.49 14.32 -9.38
CA ARG B 49 -14.45 13.46 -10.06
C ARG B 49 -14.70 13.93 -11.49
N MET B 50 -14.70 15.26 -11.69
CA MET B 50 -14.99 15.83 -13.00
C MET B 50 -13.87 15.59 -14.00
N ILE B 51 -12.68 15.16 -13.55
CA ILE B 51 -11.63 14.77 -14.49
C ILE B 51 -11.24 13.31 -14.31
N PHE B 52 -12.20 12.50 -13.86
CA PHE B 52 -12.07 11.04 -13.85
C PHE B 52 -10.85 10.59 -13.05
N ALA B 53 -10.63 11.29 -11.94
CA ALA B 53 -9.59 10.93 -10.97
C ALA B 53 -10.28 10.67 -9.64
N GLU B 54 -10.06 9.49 -9.06
CA GLU B 54 -10.57 9.29 -7.72
C GLU B 54 -9.72 10.05 -6.72
N CYS B 55 -10.37 10.51 -5.65
CA CYS B 55 -9.67 11.24 -4.62
C CYS B 55 -8.62 10.34 -3.97
N SER B 56 -7.54 10.96 -3.47
CA SER B 56 -6.59 10.19 -2.66
C SER B 56 -7.01 10.24 -1.20
N PRO B 57 -7.07 9.09 -0.52
CA PRO B 57 -7.67 9.08 0.82
C PRO B 57 -6.97 9.99 1.82
N ASN B 58 -5.67 10.20 1.69
CA ASN B 58 -4.96 11.02 2.67
C ASN B 58 -5.16 12.52 2.49
N THR B 59 -5.56 12.98 1.30
CA THR B 59 -5.68 14.41 1.06
C THR B 59 -7.10 14.89 0.84
N CYS B 60 -8.07 14.00 0.64
CA CYS B 60 -9.44 14.46 0.40
C CYS B 60 -9.96 15.17 1.65
N PRO B 61 -10.52 16.36 1.51
CA PRO B 61 -11.08 17.05 2.69
C PRO B 61 -12.26 16.31 3.28
N CYS B 62 -13.01 15.57 2.47
CA CYS B 62 -14.17 14.84 2.96
C CYS B 62 -13.79 13.58 3.73
N GLY B 63 -12.51 13.21 3.75
CA GLY B 63 -12.05 12.12 4.59
C GLY B 63 -12.71 10.80 4.23
N GLU B 64 -13.34 10.18 5.23
CA GLU B 64 -14.07 8.93 5.03
C GLU B 64 -15.42 9.15 4.37
N GLN B 65 -15.90 10.39 4.33
CA GLN B 65 -17.18 10.71 3.71
C GLN B 65 -17.08 10.92 2.20
N CYS B 66 -15.92 10.67 1.61
CA CYS B 66 -15.73 10.93 0.19
C CYS B 66 -16.43 9.85 -0.64
N CYS B 67 -17.33 10.27 -1.54
CA CYS B 67 -18.03 9.39 -2.46
C CYS B 67 -17.30 9.20 -3.79
N ASN B 68 -16.09 9.73 -3.91
CA ASN B 68 -15.30 9.63 -5.13
C ASN B 68 -14.09 8.71 -4.92
N GLN B 69 -14.29 7.62 -4.19
CA GLN B 69 -13.29 6.57 -4.04
C GLN B 69 -13.90 5.21 -4.30
N ARG B 70 -14.82 5.18 -5.27
CA ARG B 70 -15.66 3.99 -5.49
C ARG B 70 -14.84 2.78 -5.91
N ILE B 71 -13.94 2.94 -6.87
CA ILE B 71 -13.15 1.80 -7.33
C ILE B 71 -12.19 1.34 -6.25
N GLN B 72 -11.45 2.27 -5.65
CA GLN B 72 -10.40 1.84 -4.71
C GLN B 72 -11.01 1.24 -3.45
N ARG B 73 -12.22 1.63 -3.08
CA ARG B 73 -12.91 1.00 -1.95
C ARG B 73 -13.75 -0.21 -2.35
N HIS B 74 -13.63 -0.67 -3.61
CA HIS B 74 -14.38 -1.83 -4.11
C HIS B 74 -15.87 -1.73 -3.79
N GLU B 75 -16.46 -0.57 -4.09
CA GLU B 75 -17.86 -0.32 -3.79
C GLU B 75 -18.76 -0.94 -4.85
N TRP B 76 -18.58 -2.22 -5.11
CA TRP B 76 -19.35 -2.89 -6.15
C TRP B 76 -20.77 -3.11 -5.68
N VAL B 77 -21.71 -3.10 -6.63
CA VAL B 77 -23.07 -3.47 -6.28
C VAL B 77 -23.08 -4.96 -5.92
N GLN B 78 -23.99 -5.34 -5.03
CA GLN B 78 -24.05 -6.70 -4.51
C GLN B 78 -25.27 -7.44 -5.02
N CYS B 79 -25.93 -6.93 -6.04
CA CYS B 79 -27.17 -7.51 -6.56
C CYS B 79 -26.97 -8.20 -7.91
N LEU B 80 -25.73 -8.51 -8.28
CA LEU B 80 -25.45 -9.08 -9.59
C LEU B 80 -25.59 -10.59 -9.55
N GLU B 81 -26.00 -11.15 -10.69
CA GLU B 81 -26.27 -12.58 -10.80
C GLU B 81 -25.91 -13.06 -12.19
N ARG B 82 -25.12 -14.13 -12.26
CA ARG B 82 -24.85 -14.78 -13.53
C ARG B 82 -26.03 -15.69 -13.90
N PHE B 83 -26.40 -15.66 -15.17
CA PHE B 83 -27.59 -16.38 -15.62
C PHE B 83 -27.39 -16.82 -17.07
N ARG B 84 -28.27 -17.69 -17.53
CA ARG B 84 -28.24 -18.16 -18.91
C ARG B 84 -28.96 -17.14 -19.80
N ALA B 85 -28.20 -16.42 -20.60
CA ALA B 85 -28.75 -15.41 -21.50
C ALA B 85 -29.02 -16.02 -22.86
N GLU B 86 -30.25 -15.86 -23.35
CA GLU B 86 -30.69 -16.58 -24.55
C GLU B 86 -29.76 -16.32 -25.74
N GLU B 87 -29.21 -17.40 -26.29
CA GLU B 87 -28.30 -17.39 -27.45
C GLU B 87 -27.00 -16.65 -27.18
N LYS B 88 -26.67 -16.38 -25.91
CA LYS B 88 -25.49 -15.60 -25.57
C LYS B 88 -24.75 -16.19 -24.38
N GLY B 89 -24.82 -17.51 -24.22
CA GLY B 89 -24.11 -18.17 -23.15
C GLY B 89 -24.50 -17.61 -21.79
N TRP B 90 -23.50 -17.37 -20.96
CA TRP B 90 -23.74 -16.71 -19.67
C TRP B 90 -23.81 -15.21 -19.87
N GLY B 91 -24.65 -14.56 -19.04
CA GLY B 91 -24.64 -13.12 -18.90
C GLY B 91 -24.74 -12.72 -17.45
N ILE B 92 -24.72 -11.41 -17.20
CA ILE B 92 -24.89 -10.86 -15.86
C ILE B 92 -26.14 -10.02 -15.86
N ARG B 93 -27.02 -10.23 -14.87
CA ARG B 93 -28.18 -9.37 -14.70
C ARG B 93 -28.18 -8.79 -13.29
N THR B 94 -28.90 -7.69 -13.14
CA THR B 94 -29.05 -7.08 -11.82
C THR B 94 -30.39 -7.51 -11.23
N LYS B 95 -30.37 -7.88 -9.94
CA LYS B 95 -31.60 -8.29 -9.27
C LYS B 95 -32.35 -7.13 -8.65
N GLU B 96 -31.79 -5.93 -8.69
CA GLU B 96 -32.35 -4.72 -8.12
C GLU B 96 -32.25 -3.60 -9.15
N PRO B 97 -33.15 -2.61 -9.08
CA PRO B 97 -33.05 -1.48 -10.01
C PRO B 97 -31.70 -0.80 -9.85
N LEU B 98 -31.21 -0.23 -10.94
CA LEU B 98 -29.97 0.53 -10.94
C LEU B 98 -30.26 1.92 -11.49
N LYS B 99 -29.44 2.88 -11.11
CA LYS B 99 -29.67 4.29 -11.45
C LYS B 99 -28.60 4.75 -12.44
N ALA B 100 -29.00 5.62 -13.37
CA ALA B 100 -28.05 6.15 -14.35
C ALA B 100 -26.80 6.69 -13.63
N GLY B 101 -25.63 6.32 -14.16
CA GLY B 101 -24.37 6.79 -13.63
C GLY B 101 -23.78 5.94 -12.53
N GLN B 102 -24.58 5.04 -11.95
CA GLN B 102 -24.16 4.25 -10.79
C GLN B 102 -22.96 3.37 -11.12
N PHE B 103 -21.95 3.42 -10.25
CA PHE B 103 -20.84 2.48 -10.35
C PHE B 103 -21.33 1.06 -10.08
N ILE B 104 -20.95 0.11 -10.93
CA ILE B 104 -21.42 -1.27 -10.83
C ILE B 104 -20.32 -2.21 -10.35
N ILE B 105 -19.21 -2.28 -11.10
CA ILE B 105 -18.16 -3.24 -10.79
C ILE B 105 -16.89 -2.81 -11.53
N GLU B 106 -15.74 -3.14 -10.96
CA GLU B 106 -14.47 -2.99 -11.66
C GLU B 106 -14.27 -4.15 -12.62
N TYR B 107 -13.71 -3.88 -13.79
CA TYR B 107 -13.32 -4.95 -14.70
C TYR B 107 -11.88 -5.36 -14.38
N LEU B 108 -11.69 -6.63 -14.02
CA LEU B 108 -10.41 -7.14 -13.55
C LEU B 108 -9.85 -8.16 -14.55
N GLY B 109 -8.52 -8.25 -14.61
CA GLY B 109 -7.91 -9.26 -15.43
C GLY B 109 -6.41 -9.12 -15.40
N GLU B 110 -5.76 -9.73 -16.40
CA GLU B 110 -4.33 -9.59 -16.62
C GLU B 110 -4.09 -8.42 -17.58
N VAL B 111 -3.36 -7.42 -17.12
CA VAL B 111 -2.99 -6.31 -17.99
C VAL B 111 -1.77 -6.73 -18.79
N VAL B 112 -1.92 -6.77 -20.12
CA VAL B 112 -0.89 -7.28 -21.01
C VAL B 112 -0.75 -6.33 -22.19
N SER B 113 0.43 -6.31 -22.80
CA SER B 113 0.58 -5.55 -24.02
C SER B 113 -0.25 -6.17 -25.14
N GLU B 114 -0.50 -5.39 -26.19
CA GLU B 114 -1.17 -5.95 -27.36
C GLU B 114 -0.36 -7.09 -27.97
N GLN B 115 0.98 -7.00 -27.92
CA GLN B 115 1.83 -8.07 -28.44
C GLN B 115 1.67 -9.35 -27.65
N GLU B 116 1.70 -9.23 -26.31
CA GLU B 116 1.51 -10.41 -25.47
C GLU B 116 0.13 -11.03 -25.70
N PHE B 117 -0.92 -10.20 -25.76
CA PHE B 117 -2.26 -10.77 -25.96
C PHE B 117 -2.37 -11.42 -27.34
N ARG B 118 -1.86 -10.77 -28.38
CA ARG B 118 -1.95 -11.38 -29.70
C ARG B 118 -1.17 -12.69 -29.76
N ASN B 119 -0.06 -12.80 -29.01
CA ASN B 119 0.60 -14.10 -28.91
C ASN B 119 -0.27 -15.11 -28.17
N ARG B 120 -0.94 -14.68 -27.09
CA ARG B 120 -1.85 -15.57 -26.38
C ARG B 120 -2.99 -16.03 -27.29
N MET B 121 -3.44 -15.16 -28.18
CA MET B 121 -4.45 -15.54 -29.16
C MET B 121 -3.93 -16.62 -30.09
N ILE B 122 -2.69 -16.47 -30.57
CA ILE B 122 -2.07 -17.47 -31.43
C ILE B 122 -1.94 -18.80 -30.70
N GLU B 123 -1.31 -18.78 -29.53
CA GLU B 123 -0.91 -20.02 -28.87
C GLU B 123 -2.04 -20.68 -28.10
N GLN B 124 -2.97 -19.90 -27.55
CA GLN B 124 -3.94 -20.50 -26.64
C GLN B 124 -5.40 -20.23 -26.99
N TYR B 125 -5.74 -19.00 -27.37
CA TYR B 125 -7.15 -18.63 -27.51
C TYR B 125 -7.70 -18.92 -28.91
N HIS B 126 -6.88 -19.46 -29.81
CA HIS B 126 -7.28 -19.59 -31.21
C HIS B 126 -8.50 -20.48 -31.40
N ASN B 127 -8.79 -21.37 -30.45
CA ASN B 127 -9.89 -22.32 -30.56
C ASN B 127 -11.12 -21.91 -29.76
N HIS B 128 -11.09 -20.75 -29.10
CA HIS B 128 -12.13 -20.43 -28.12
C HIS B 128 -13.37 -19.88 -28.79
N SER B 129 -14.53 -20.21 -28.21
CA SER B 129 -15.82 -19.75 -28.72
C SER B 129 -16.27 -18.46 -28.07
N ASP B 130 -15.65 -18.09 -26.95
CA ASP B 130 -15.96 -16.86 -26.24
C ASP B 130 -14.66 -16.10 -26.02
N HIS B 131 -14.73 -14.77 -26.11
CA HIS B 131 -13.56 -13.93 -26.00
C HIS B 131 -13.72 -13.00 -24.81
N TYR B 132 -12.61 -12.71 -24.11
CA TYR B 132 -12.60 -11.96 -22.86
C TYR B 132 -11.44 -10.96 -22.87
N CYS B 133 -11.62 -9.79 -23.48
CA CYS B 133 -10.50 -8.86 -23.54
CA CYS B 133 -10.49 -8.86 -23.61
C CYS B 133 -11.01 -7.44 -23.78
N LEU B 134 -10.64 -6.56 -22.86
CA LEU B 134 -11.08 -5.17 -22.87
C LEU B 134 -10.01 -4.25 -23.44
N ASN B 135 -10.46 -3.22 -24.15
CA ASN B 135 -9.57 -2.23 -24.77
C ASN B 135 -9.14 -1.22 -23.71
N LEU B 136 -7.94 -1.40 -23.15
CA LEU B 136 -7.50 -0.50 -22.10
C LEU B 136 -7.01 0.83 -22.67
N ASP B 137 -6.10 0.76 -23.62
CA ASP B 137 -5.55 1.92 -24.30
C ASP B 137 -4.82 1.35 -25.51
N SER B 138 -4.61 2.19 -26.51
CA SER B 138 -3.85 1.74 -27.66
C SER B 138 -2.52 1.18 -27.19
N GLY B 139 -2.32 -0.12 -27.41
CA GLY B 139 -1.10 -0.79 -27.00
C GLY B 139 -1.20 -1.67 -25.76
N MET B 140 -2.34 -1.70 -25.07
CA MET B 140 -2.47 -2.60 -23.95
C MET B 140 -3.94 -2.97 -23.75
N VAL B 141 -4.16 -4.14 -23.13
CA VAL B 141 -5.50 -4.70 -22.98
C VAL B 141 -5.60 -5.39 -21.62
N ILE B 142 -6.83 -5.65 -21.21
CA ILE B 142 -7.10 -6.41 -19.99
C ILE B 142 -7.64 -7.74 -20.44
N ASP B 143 -6.83 -8.77 -20.25
CA ASP B 143 -7.12 -10.12 -20.67
C ASP B 143 -7.76 -10.85 -19.50
N SER B 144 -9.04 -11.21 -19.64
CA SER B 144 -9.74 -11.98 -18.61
C SER B 144 -10.06 -13.39 -19.07
N TYR B 145 -9.35 -13.90 -20.09
CA TYR B 145 -9.56 -15.30 -20.51
C TYR B 145 -9.26 -16.26 -19.37
N ARG B 146 -8.23 -15.97 -18.56
CA ARG B 146 -7.79 -16.89 -17.53
C ARG B 146 -8.03 -16.39 -16.12
N MET B 147 -7.93 -15.08 -15.87
CA MET B 147 -8.12 -14.51 -14.55
C MET B 147 -9.04 -13.30 -14.64
N GLY B 148 -9.90 -13.13 -13.63
CA GLY B 148 -10.73 -11.93 -13.63
C GLY B 148 -11.79 -11.95 -12.56
N ASN B 149 -12.92 -11.35 -12.87
CA ASN B 149 -14.05 -11.34 -11.95
C ASN B 149 -15.32 -11.46 -12.79
N GLU B 150 -16.47 -11.25 -12.16
CA GLU B 150 -17.75 -11.53 -12.82
C GLU B 150 -18.04 -10.60 -13.98
N ALA B 151 -17.32 -9.48 -14.07
CA ALA B 151 -17.49 -8.57 -15.21
C ALA B 151 -17.18 -9.25 -16.53
N ARG B 152 -16.38 -10.31 -16.52
CA ARG B 152 -16.02 -11.01 -17.74
C ARG B 152 -17.21 -11.69 -18.42
N PHE B 153 -18.33 -11.82 -17.71
CA PHE B 153 -19.52 -12.47 -18.24
C PHE B 153 -20.52 -11.49 -18.83
N ILE B 154 -20.19 -10.21 -18.85
CA ILE B 154 -21.13 -9.19 -19.31
C ILE B 154 -21.11 -9.16 -20.84
N ASN B 155 -22.30 -9.25 -21.44
CA ASN B 155 -22.44 -9.42 -22.87
C ASN B 155 -22.48 -8.07 -23.61
N HIS B 156 -22.32 -8.15 -24.92
CA HIS B 156 -22.39 -7.00 -25.80
C HIS B 156 -23.83 -6.61 -26.10
N SER B 157 -24.06 -5.31 -26.25
CA SER B 157 -25.30 -4.85 -26.89
C SER B 157 -25.02 -3.66 -27.78
N CYS B 158 -25.71 -3.62 -28.92
CA CYS B 158 -25.69 -2.46 -29.80
C CYS B 158 -26.52 -1.30 -29.24
N ASP B 159 -27.29 -1.54 -28.20
CA ASP B 159 -28.04 -0.51 -27.49
C ASP B 159 -27.76 -0.70 -26.00
N PRO B 160 -26.55 -0.39 -25.56
CA PRO B 160 -26.10 -0.83 -24.22
C PRO B 160 -26.77 -0.06 -23.09
N ASN B 161 -26.84 -0.70 -21.92
CA ASN B 161 -27.30 0.00 -20.72
C ASN B 161 -26.18 0.38 -19.77
N CYS B 162 -24.94 -0.06 -20.02
CA CYS B 162 -23.79 0.31 -19.21
C CYS B 162 -22.62 0.72 -20.11
N GLU B 163 -21.59 1.29 -19.51
CA GLU B 163 -20.38 1.60 -20.26
C GLU B 163 -19.18 1.40 -19.36
N MET B 164 -18.01 1.29 -19.99
CA MET B 164 -16.76 1.34 -19.26
C MET B 164 -16.26 2.78 -19.15
N GLN B 165 -15.66 3.10 -18.00
CA GLN B 165 -15.01 4.38 -17.80
C GLN B 165 -13.61 4.12 -17.24
N LYS B 166 -12.64 4.89 -17.75
CA LYS B 166 -11.26 4.79 -17.30
C LYS B 166 -11.01 5.85 -16.23
N TRP B 167 -10.55 5.41 -15.06
CA TRP B 167 -10.34 6.28 -13.92
C TRP B 167 -8.89 6.18 -13.45
N SER B 168 -8.32 7.32 -13.06
CA SER B 168 -7.00 7.28 -12.46
C SER B 168 -7.18 7.10 -10.96
N VAL B 169 -6.50 6.10 -10.42
CA VAL B 169 -6.69 5.66 -9.04
C VAL B 169 -5.30 5.52 -8.42
N ASN B 170 -4.82 6.58 -7.77
CA ASN B 170 -3.56 6.60 -7.03
C ASN B 170 -2.40 6.08 -7.87
N GLY B 171 -2.30 6.59 -9.11
CA GLY B 171 -1.17 6.34 -9.95
C GLY B 171 -1.33 5.26 -10.98
N VAL B 172 -2.42 4.49 -10.95
CA VAL B 172 -2.70 3.52 -12.00
C VAL B 172 -4.12 3.75 -12.50
N TYR B 173 -4.32 3.49 -13.79
CA TYR B 173 -5.66 3.50 -14.34
C TYR B 173 -6.38 2.20 -13.97
N ARG B 174 -7.65 2.31 -13.58
CA ARG B 174 -8.51 1.16 -13.39
C ARG B 174 -9.80 1.39 -14.14
N ILE B 175 -10.46 0.31 -14.55
CA ILE B 175 -11.60 0.39 -15.46
C ILE B 175 -12.85 -0.06 -14.72
N GLY B 176 -13.86 0.80 -14.69
CA GLY B 176 -15.12 0.50 -14.04
C GLY B 176 -16.27 0.44 -15.03
N LEU B 177 -17.25 -0.39 -14.72
CA LEU B 177 -18.53 -0.43 -15.43
C LEU B 177 -19.50 0.47 -14.69
N TYR B 178 -20.16 1.38 -15.43
CA TYR B 178 -21.13 2.31 -14.88
C TYR B 178 -22.42 2.26 -15.68
N ALA B 179 -23.55 2.46 -15.00
CA ALA B 179 -24.84 2.48 -15.68
C ALA B 179 -25.00 3.70 -16.57
N LEU B 180 -25.49 3.47 -17.78
CA LEU B 180 -25.81 4.57 -18.70
C LEU B 180 -27.20 5.15 -18.44
N LYS B 181 -28.05 4.41 -17.74
CA LYS B 181 -29.45 4.76 -17.66
C LYS B 181 -30.04 4.03 -16.47
N ASP B 182 -31.14 4.56 -15.92
CA ASP B 182 -31.93 3.79 -14.98
C ASP B 182 -32.37 2.49 -15.64
N MET B 183 -32.30 1.40 -14.91
CA MET B 183 -32.80 0.13 -15.45
C MET B 183 -33.47 -0.69 -14.36
N PRO B 184 -34.50 -1.45 -14.72
CA PRO B 184 -35.29 -2.16 -13.71
C PRO B 184 -34.60 -3.44 -13.25
N ALA B 185 -35.08 -3.93 -12.10
CA ALA B 185 -34.66 -5.24 -11.62
C ALA B 185 -34.86 -6.29 -12.72
N GLY B 186 -33.88 -7.18 -12.85
CA GLY B 186 -33.92 -8.22 -13.85
C GLY B 186 -33.24 -7.90 -15.17
N THR B 187 -32.76 -6.67 -15.35
CA THR B 187 -32.12 -6.27 -16.60
C THR B 187 -30.79 -6.98 -16.76
N GLU B 188 -30.55 -7.54 -17.95
CA GLU B 188 -29.20 -8.00 -18.29
C GLU B 188 -28.30 -6.80 -18.56
N LEU B 189 -27.19 -6.74 -17.84
CA LEU B 189 -26.19 -5.71 -18.07
C LEU B 189 -25.46 -5.92 -19.39
N THR B 190 -25.20 -4.83 -20.10
CA THR B 190 -24.52 -4.88 -21.39
C THR B 190 -23.68 -3.63 -21.56
N TYR B 191 -22.66 -3.72 -22.43
CA TYR B 191 -21.94 -2.55 -22.91
C TYR B 191 -21.59 -2.78 -24.37
N ASP B 192 -21.13 -1.71 -25.03
CA ASP B 192 -20.87 -1.73 -26.46
C ASP B 192 -19.43 -2.18 -26.69
N TYR B 193 -19.26 -3.41 -27.19
CA TYR B 193 -17.91 -3.93 -27.42
C TYR B 193 -17.19 -3.13 -28.50
N ASN B 194 -17.93 -2.52 -29.43
CA ASN B 194 -17.26 -1.73 -30.48
C ASN B 194 -16.42 -0.63 -29.88
N PHE B 195 -16.91 -0.02 -28.81
CA PHE B 195 -16.19 1.05 -28.13
C PHE B 195 -15.15 0.51 -27.15
N HIS B 196 -15.50 -0.53 -26.40
CA HIS B 196 -14.73 -0.85 -25.21
C HIS B 196 -13.94 -2.14 -25.29
N SER B 197 -14.21 -3.02 -26.27
CA SER B 197 -13.59 -4.33 -26.29
C SER B 197 -12.54 -4.40 -27.38
N PHE B 198 -11.51 -5.22 -27.13
CA PHE B 198 -10.43 -5.38 -28.09
C PHE B 198 -10.91 -6.10 -29.35
N ASN B 199 -10.47 -5.60 -30.50
CA ASN B 199 -10.85 -6.21 -31.78
C ASN B 199 -10.12 -7.55 -31.96
N VAL B 200 -10.78 -8.65 -31.57
CA VAL B 200 -10.16 -9.96 -31.73
C VAL B 200 -10.22 -10.45 -33.16
N GLU B 201 -10.81 -9.67 -34.07
CA GLU B 201 -10.86 -9.99 -35.50
C GLU B 201 -11.47 -11.38 -35.71
N LYS B 202 -12.60 -11.61 -35.03
CA LYS B 202 -13.47 -12.75 -35.29
C LYS B 202 -14.89 -12.26 -35.44
N ALA B 203 -15.64 -12.93 -36.30
CA ALA B 203 -17.00 -12.53 -36.63
C ALA B 203 -17.99 -13.42 -35.87
N GLN B 204 -18.82 -12.80 -35.05
CA GLN B 204 -19.83 -13.52 -34.29
C GLN B 204 -21.15 -12.79 -34.47
N LEU B 205 -22.23 -13.55 -34.66
CA LEU B 205 -23.54 -12.93 -34.80
C LEU B 205 -23.97 -12.32 -33.48
N CYS B 206 -24.47 -11.09 -33.55
CA CYS B 206 -24.95 -10.40 -32.37
C CYS B 206 -26.41 -10.76 -32.15
N LYS B 207 -26.73 -11.17 -30.92
CA LYS B 207 -28.09 -11.55 -30.53
C LYS B 207 -28.69 -10.56 -29.54
N CYS B 208 -28.25 -9.29 -29.59
CA CYS B 208 -28.72 -8.30 -28.61
C CYS B 208 -30.20 -7.97 -28.82
N GLY B 209 -30.73 -8.18 -30.03
CA GLY B 209 -32.13 -8.02 -30.28
C GLY B 209 -32.60 -6.60 -30.53
N PHE B 210 -31.69 -5.63 -30.54
CA PHE B 210 -32.18 -4.28 -30.69
CA PHE B 210 -32.04 -4.22 -30.71
C PHE B 210 -32.46 -3.95 -32.15
N GLU B 211 -33.42 -3.05 -32.33
CA GLU B 211 -33.96 -2.80 -33.67
C GLU B 211 -32.87 -2.37 -34.65
N LYS B 212 -31.83 -1.69 -34.16
CA LYS B 212 -30.73 -1.27 -35.04
C LYS B 212 -29.45 -2.00 -34.65
N CYS B 213 -29.60 -3.28 -34.32
CA CYS B 213 -28.46 -4.16 -34.14
C CYS B 213 -27.55 -4.11 -35.36
N ARG B 214 -26.24 -4.14 -35.11
CA ARG B 214 -25.26 -4.10 -36.19
C ARG B 214 -24.97 -5.47 -36.78
N GLY B 215 -25.57 -6.53 -36.25
CA GLY B 215 -25.54 -7.84 -36.84
C GLY B 215 -24.34 -8.67 -36.45
N ILE B 216 -23.19 -8.01 -36.31
CA ILE B 216 -21.94 -8.65 -35.95
C ILE B 216 -21.40 -7.92 -34.72
N ILE B 217 -20.87 -8.68 -33.76
CA ILE B 217 -20.40 -8.06 -32.53
C ILE B 217 -19.18 -7.21 -32.84
N GLY B 218 -19.19 -5.97 -32.37
CA GLY B 218 -18.08 -5.05 -32.58
C GLY B 218 -18.16 -4.23 -33.85
N GLY B 219 -19.12 -4.51 -34.73
CA GLY B 219 -19.23 -3.72 -35.95
C GLY B 219 -19.46 -2.25 -35.64
N LYS B 220 -18.91 -1.39 -36.49
CA LYS B 220 -18.92 0.04 -36.26
C LYS B 220 -20.21 0.69 -36.76
N GLY C 1 15.45 -18.07 30.13
CA GLY C 1 14.55 -16.95 30.31
C GLY C 1 13.13 -17.25 29.89
N ALA C 2 12.23 -16.31 30.15
CA ALA C 2 10.82 -16.48 29.82
C ALA C 2 10.61 -16.46 28.31
N MET C 3 9.46 -17.00 27.89
CA MET C 3 9.10 -16.89 26.48
C MET C 3 8.86 -15.43 26.11
N ALA C 4 8.95 -15.17 24.81
CA ALA C 4 8.68 -13.85 24.28
C ALA C 4 7.22 -13.48 24.50
N GLY C 5 6.97 -12.18 24.70
CA GLY C 5 5.61 -11.72 24.88
C GLY C 5 4.78 -11.86 23.62
N SER C 6 3.50 -12.17 23.83
CA SER C 6 2.56 -12.30 22.72
C SER C 6 2.20 -10.94 22.13
N TYR C 7 1.98 -10.92 20.81
CA TYR C 7 1.47 -9.73 20.15
C TYR C 7 0.81 -10.13 18.84
N LYS C 8 0.00 -9.23 18.31
CA LYS C 8 -0.64 -9.43 17.01
C LYS C 8 0.24 -8.76 15.96
N LYS C 9 0.88 -9.57 15.13
CA LYS C 9 1.77 -9.04 14.10
C LYS C 9 0.94 -8.46 12.96
N ILE C 10 1.28 -7.22 12.55
CA ILE C 10 0.53 -6.47 11.55
C ILE C 10 1.48 -6.00 10.46
N ARG C 11 0.92 -5.68 9.29
CA ARG C 11 1.70 -5.28 8.13
C ARG C 11 1.81 -3.77 7.95
N SER C 12 0.95 -2.99 8.61
CA SER C 12 1.07 -1.53 8.58
C SER C 12 0.35 -0.96 9.79
N ASN C 13 0.57 0.32 10.04
CA ASN C 13 0.07 0.92 11.28
C ASN C 13 -1.45 0.92 11.32
N VAL C 14 -1.98 0.77 12.52
CA VAL C 14 -3.42 0.83 12.79
C VAL C 14 -3.70 2.21 13.38
N TYR C 15 -4.54 2.99 12.71
CA TYR C 15 -4.86 4.33 13.17
C TYR C 15 -6.11 4.25 14.04
N VAL C 16 -5.96 4.53 15.33
CA VAL C 16 -7.03 4.28 16.30
C VAL C 16 -7.90 5.51 16.49
N ASP C 17 -7.34 6.58 17.06
CA ASP C 17 -8.10 7.81 17.26
C ASP C 17 -7.42 9.02 16.67
N VAL C 18 -6.29 8.85 15.98
CA VAL C 18 -5.55 9.93 15.36
C VAL C 18 -4.90 9.37 14.10
N LYS C 19 -4.60 10.25 13.15
CA LYS C 19 -3.83 9.85 11.97
C LYS C 19 -2.76 10.90 11.69
N PRO C 20 -1.47 10.51 11.61
CA PRO C 20 -0.39 11.51 11.54
C PRO C 20 -0.18 12.02 10.12
N LEU C 21 -1.18 12.75 9.63
CA LEU C 21 -1.07 13.37 8.32
C LEU C 21 -0.05 14.49 8.37
N SER C 22 0.81 14.53 7.34
CA SER C 22 1.83 15.57 7.28
C SER C 22 1.34 16.86 6.65
N GLY C 23 0.30 16.81 5.82
CA GLY C 23 -0.17 18.01 5.17
C GLY C 23 0.55 18.36 3.89
N TYR C 24 1.46 17.51 3.43
CA TYR C 24 2.11 17.71 2.15
C TYR C 24 2.50 16.35 1.58
N GLU C 25 2.39 16.25 0.26
CA GLU C 25 2.88 15.09 -0.46
C GLU C 25 4.22 15.43 -1.10
N ALA C 26 4.90 14.38 -1.55
CA ALA C 26 6.16 14.58 -2.25
C ALA C 26 5.95 15.53 -3.43
N THR C 27 6.86 16.48 -3.57
CA THR C 27 6.93 17.21 -4.82
C THR C 27 7.58 16.32 -5.86
N THR C 28 7.68 16.81 -7.08
CA THR C 28 8.52 16.17 -8.09
C THR C 28 9.91 16.77 -7.99
N CYS C 29 10.88 15.96 -7.57
CA CYS C 29 12.24 16.46 -7.37
C CYS C 29 12.91 16.77 -8.71
N ASN C 30 14.14 17.26 -8.62
CA ASN C 30 14.93 17.63 -9.78
C ASN C 30 16.00 16.61 -10.11
N CYS C 31 15.91 15.40 -9.57
CA CYS C 31 16.97 14.42 -9.79
C CYS C 31 16.96 13.92 -11.23
N LYS C 32 18.14 13.50 -11.69
CA LYS C 32 18.33 12.98 -13.03
C LYS C 32 18.36 11.46 -13.00
N LYS C 33 17.56 10.83 -13.84
CA LYS C 33 17.55 9.38 -13.92
C LYS C 33 18.87 8.89 -14.49
N PRO C 34 19.65 8.12 -13.74
CA PRO C 34 20.93 7.64 -14.29
C PRO C 34 20.71 6.77 -15.50
N ASP C 35 21.42 7.07 -16.59
CA ASP C 35 21.20 6.33 -17.83
C ASP C 35 21.72 4.91 -17.75
N ASP C 36 22.58 4.61 -16.78
CA ASP C 36 22.88 3.23 -16.42
C ASP C 36 21.77 2.76 -15.48
N ASP C 37 20.87 1.92 -16.00
CA ASP C 37 19.71 1.52 -15.21
C ASP C 37 20.06 0.63 -14.03
N THR C 38 21.34 0.33 -13.81
CA THR C 38 21.74 -0.36 -12.58
C THR C 38 21.99 0.62 -11.44
N ARG C 39 22.16 1.91 -11.74
CA ARG C 39 22.52 2.89 -10.74
C ARG C 39 21.28 3.51 -10.12
N LYS C 40 21.41 3.86 -8.84
CA LYS C 40 20.28 4.39 -8.08
C LYS C 40 20.20 5.91 -8.20
N GLY C 41 18.98 6.42 -8.36
CA GLY C 41 18.73 7.84 -8.40
C GLY C 41 18.14 8.33 -7.08
N CYS C 42 18.02 9.66 -6.96
CA CYS C 42 17.52 10.30 -5.75
C CYS C 42 18.37 9.92 -4.53
N VAL C 43 19.63 10.34 -4.60
CA VAL C 43 20.68 10.07 -3.62
C VAL C 43 20.83 11.36 -2.82
N ASP C 44 21.91 11.49 -2.07
CA ASP C 44 22.08 12.52 -1.06
C ASP C 44 21.41 13.86 -1.35
N ASP C 45 21.49 14.40 -2.58
CA ASP C 45 20.97 15.74 -2.84
C ASP C 45 19.56 15.75 -3.43
N CYS C 46 18.78 14.70 -3.21
CA CYS C 46 17.39 14.71 -3.65
C CYS C 46 16.57 15.73 -2.86
N LEU C 47 15.80 16.54 -3.56
CA LEU C 47 14.99 17.57 -2.91
C LEU C 47 13.88 16.99 -2.04
N ASN C 48 13.52 15.72 -2.24
CA ASN C 48 12.57 15.11 -1.32
C ASN C 48 13.28 14.52 -0.10
N ARG C 49 14.35 13.75 -0.33
CA ARG C 49 15.17 13.29 0.77
C ARG C 49 15.63 14.44 1.66
N MET C 50 15.86 15.63 1.07
CA MET C 50 16.31 16.80 1.83
C MET C 50 15.40 17.11 3.02
N ILE C 51 14.10 16.83 2.92
CA ILE C 51 13.18 17.15 3.99
C ILE C 51 12.55 15.89 4.60
N PHE C 52 13.22 14.74 4.42
CA PHE C 52 12.71 13.45 4.91
C PHE C 52 11.31 13.18 4.39
N ALA C 53 11.11 13.45 3.11
CA ALA C 53 9.92 13.05 2.38
C ALA C 53 10.34 11.99 1.36
N GLU C 54 9.67 10.85 1.37
CA GLU C 54 9.92 9.87 0.32
C GLU C 54 9.30 10.35 -0.98
N CYS C 55 9.95 9.98 -2.09
CA CYS C 55 9.38 10.24 -3.40
C CYS C 55 8.09 9.46 -3.57
N SER C 56 7.34 9.86 -4.58
CA SER C 56 6.21 9.03 -4.99
C SER C 56 6.53 8.31 -6.30
N PRO C 57 6.17 7.04 -6.43
CA PRO C 57 6.44 6.35 -7.71
C PRO C 57 5.62 6.89 -8.87
N ASN C 58 4.57 7.67 -8.60
CA ASN C 58 3.75 8.22 -9.68
C ASN C 58 4.39 9.40 -10.38
N THR C 59 5.36 10.05 -9.73
CA THR C 59 5.92 11.30 -10.24
C THR C 59 7.43 11.35 -10.29
N CYS C 60 8.14 10.48 -9.59
CA CYS C 60 9.59 10.65 -9.48
C CYS C 60 10.25 10.48 -10.84
N PRO C 61 11.13 11.39 -11.24
CA PRO C 61 11.78 11.25 -12.56
C PRO C 61 12.72 10.06 -12.66
N CYS C 62 13.13 9.49 -11.53
CA CYS C 62 14.06 8.36 -11.55
C CYS C 62 13.37 7.01 -11.73
N GLY C 63 12.04 6.97 -11.66
CA GLY C 63 11.31 5.74 -11.92
C GLY C 63 11.67 4.64 -10.95
N GLU C 64 11.86 3.43 -11.49
CA GLU C 64 12.24 2.30 -10.65
C GLU C 64 13.67 2.39 -10.12
N GLN C 65 14.45 3.37 -10.57
CA GLN C 65 15.78 3.59 -10.01
C GLN C 65 15.77 4.48 -8.78
N CYS C 66 14.62 5.03 -8.39
CA CYS C 66 14.55 5.85 -7.18
C CYS C 66 14.86 5.00 -5.96
N CYS C 67 15.85 5.41 -5.18
CA CYS C 67 16.14 4.73 -3.92
C CYS C 67 15.58 5.45 -2.71
N ASN C 68 14.67 6.41 -2.94
CA ASN C 68 14.07 7.21 -1.87
C ASN C 68 12.60 6.83 -1.65
N GLN C 69 12.30 5.56 -1.70
CA GLN C 69 10.96 5.04 -1.44
C GLN C 69 11.04 3.82 -0.53
N ARG C 70 11.99 3.85 0.41
CA ARG C 70 12.34 2.67 1.21
C ARG C 70 11.20 2.23 2.12
N ILE C 71 10.58 3.17 2.83
CA ILE C 71 9.50 2.80 3.75
C ILE C 71 8.32 2.29 2.97
N GLN C 72 7.87 3.03 1.96
CA GLN C 72 6.62 2.67 1.32
C GLN C 72 6.74 1.38 0.53
N ARG C 73 7.94 1.02 0.07
CA ARG C 73 8.16 -0.27 -0.59
C ARG C 73 8.54 -1.36 0.40
N HIS C 74 8.51 -1.07 1.70
CA HIS C 74 8.81 -2.04 2.75
C HIS C 74 10.14 -2.75 2.50
N GLU C 75 11.18 -1.96 2.20
CA GLU C 75 12.48 -2.52 1.90
C GLU C 75 13.22 -2.87 3.18
N TRP C 76 12.58 -3.64 4.05
CA TRP C 76 13.18 -4.06 5.30
C TRP C 76 14.36 -4.99 5.02
N VAL C 77 15.38 -4.92 5.88
CA VAL C 77 16.48 -5.88 5.77
C VAL C 77 15.95 -7.27 6.09
N GLN C 78 16.47 -8.28 5.38
CA GLN C 78 15.90 -9.62 5.46
C GLN C 78 16.71 -10.54 6.39
N CYS C 79 17.57 -9.96 7.21
CA CYS C 79 18.55 -10.71 8.00
C CYS C 79 18.34 -10.51 9.50
N LEU C 80 17.12 -10.19 9.93
CA LEU C 80 16.89 -9.95 11.35
C LEU C 80 16.52 -11.24 12.08
N GLU C 81 16.95 -11.31 13.34
CA GLU C 81 16.71 -12.46 14.21
C GLU C 81 16.34 -11.98 15.60
N ARG C 82 15.25 -12.54 16.14
CA ARG C 82 14.90 -12.31 17.53
C ARG C 82 15.67 -13.29 18.41
N PHE C 83 16.28 -12.78 19.47
CA PHE C 83 17.18 -13.63 20.26
C PHE C 83 17.17 -13.20 21.71
N ARG C 84 17.71 -14.05 22.59
CA ARG C 84 17.82 -13.73 24.00
C ARG C 84 18.99 -12.80 24.23
N ALA C 85 18.71 -11.60 24.71
CA ALA C 85 19.73 -10.60 24.97
C ALA C 85 20.02 -10.60 26.45
N GLU C 86 21.28 -10.88 26.80
CA GLU C 86 21.67 -11.05 28.20
C GLU C 86 21.17 -9.90 29.06
N GLU C 87 20.36 -10.23 30.07
CA GLU C 87 19.79 -9.29 31.03
C GLU C 87 18.80 -8.32 30.42
N LYS C 88 18.41 -8.50 29.16
CA LYS C 88 17.51 -7.56 28.51
C LYS C 88 16.37 -8.27 27.80
N GLY C 89 15.97 -9.43 28.31
CA GLY C 89 14.87 -10.17 27.70
C GLY C 89 15.19 -10.57 26.28
N TRP C 90 14.22 -10.37 25.39
CA TRP C 90 14.43 -10.61 23.97
C TRP C 90 14.94 -9.36 23.30
N GLY C 91 15.80 -9.55 22.29
CA GLY C 91 16.29 -8.45 21.47
C GLY C 91 16.24 -8.83 20.00
N ILE C 92 16.68 -7.91 19.14
CA ILE C 92 16.79 -8.16 17.71
C ILE C 92 18.23 -7.97 17.30
N ARG C 93 18.77 -8.91 16.51
CA ARG C 93 20.11 -8.77 15.97
C ARG C 93 20.07 -8.93 14.46
N THR C 94 21.08 -8.36 13.79
CA THR C 94 21.27 -8.58 12.36
C THR C 94 22.23 -9.74 12.14
N LYS C 95 21.89 -10.62 11.20
CA LYS C 95 22.73 -11.76 10.84
CA LYS C 95 22.74 -11.74 10.86
C LYS C 95 23.74 -11.44 9.75
N GLU C 96 23.62 -10.28 9.12
CA GLU C 96 24.49 -9.79 8.07
C GLU C 96 25.00 -8.40 8.47
N PRO C 97 26.15 -7.99 7.95
CA PRO C 97 26.65 -6.65 8.27
C PRO C 97 25.69 -5.58 7.75
N LEU C 98 25.63 -4.47 8.46
CA LEU C 98 24.85 -3.33 8.06
C LEU C 98 25.76 -2.13 7.87
N LYS C 99 25.38 -1.22 6.99
CA LYS C 99 26.17 -0.02 6.72
C LYS C 99 25.51 1.21 7.30
N ALA C 100 26.34 2.16 7.74
CA ALA C 100 25.82 3.40 8.30
C ALA C 100 24.80 4.05 7.38
N GLY C 101 23.70 4.54 7.96
CA GLY C 101 22.62 5.19 7.23
C GLY C 101 21.55 4.26 6.71
N GLN C 102 21.80 2.95 6.72
CA GLN C 102 20.93 2.01 6.03
C GLN C 102 19.57 1.90 6.71
N PHE C 103 18.52 1.91 5.91
CA PHE C 103 17.20 1.57 6.40
C PHE C 103 17.17 0.12 6.84
N ILE C 104 16.55 -0.14 8.01
CA ILE C 104 16.48 -1.47 8.60
C ILE C 104 15.06 -2.01 8.60
N ILE C 105 14.11 -1.29 9.23
CA ILE C 105 12.74 -1.77 9.38
C ILE C 105 11.87 -0.59 9.80
N GLU C 106 10.57 -0.66 9.45
CA GLU C 106 9.61 0.32 9.96
C GLU C 106 9.14 -0.11 11.33
N TYR C 107 8.94 0.86 12.23
CA TYR C 107 8.30 0.57 13.51
C TYR C 107 6.80 0.64 13.34
N LEU C 108 6.11 -0.47 13.61
CA LEU C 108 4.67 -0.58 13.42
C LEU C 108 3.93 -0.70 14.74
N GLY C 109 2.68 -0.24 14.75
CA GLY C 109 1.82 -0.46 15.91
C GLY C 109 0.50 0.24 15.77
N GLU C 110 -0.17 0.42 16.90
CA GLU C 110 -1.40 1.20 16.98
C GLU C 110 -1.04 2.67 17.21
N VAL C 111 -1.44 3.53 16.29
CA VAL C 111 -1.17 4.95 16.40
C VAL C 111 -2.31 5.56 17.21
N VAL C 112 -1.99 6.03 18.41
CA VAL C 112 -3.00 6.53 19.35
C VAL C 112 -2.56 7.89 19.87
N SER C 113 -3.55 8.67 20.31
CA SER C 113 -3.24 9.92 20.98
C SER C 113 -2.57 9.64 22.33
N GLU C 114 -1.86 10.64 22.85
CA GLU C 114 -1.27 10.48 24.17
C GLU C 114 -2.32 10.25 25.23
N GLN C 115 -3.45 10.95 25.12
CA GLN C 115 -4.55 10.74 26.07
C GLN C 115 -5.04 9.29 26.05
N GLU C 116 -5.19 8.72 24.85
CA GLU C 116 -5.59 7.31 24.74
C GLU C 116 -4.52 6.39 25.31
N PHE C 117 -3.24 6.67 25.03
CA PHE C 117 -2.21 5.80 25.58
C PHE C 117 -2.17 5.88 27.08
N ARG C 118 -2.31 7.09 27.64
CA ARG C 118 -2.33 7.22 29.10
C ARG C 118 -3.47 6.44 29.71
N ASN C 119 -4.63 6.39 29.03
CA ASN C 119 -5.74 5.58 29.53
C ASN C 119 -5.41 4.09 29.46
N ARG C 120 -4.78 3.65 28.37
CA ARG C 120 -4.34 2.27 28.27
C ARG C 120 -3.32 1.93 29.35
N MET C 121 -2.43 2.87 29.66
CA MET C 121 -1.43 2.63 30.71
C MET C 121 -2.09 2.33 32.05
N ILE C 122 -3.20 3.03 32.34
CA ILE C 122 -3.90 2.82 33.61
C ILE C 122 -4.70 1.53 33.56
N GLU C 123 -5.43 1.31 32.47
CA GLU C 123 -6.43 0.25 32.43
C GLU C 123 -5.89 -1.07 31.92
N GLN C 124 -4.87 -1.07 31.06
CA GLN C 124 -4.42 -2.31 30.43
C GLN C 124 -2.98 -2.68 30.75
N TYR C 125 -2.06 -1.71 30.77
CA TYR C 125 -0.62 -1.99 30.86
C TYR C 125 -0.05 -1.79 32.26
N HIS C 126 -0.91 -1.50 33.24
CA HIS C 126 -0.42 -1.16 34.57
C HIS C 126 0.43 -2.27 35.19
N ASN C 127 0.23 -3.51 34.76
CA ASN C 127 0.94 -4.67 35.31
C ASN C 127 2.22 -5.02 34.54
N HIS C 128 2.52 -4.33 33.45
CA HIS C 128 3.56 -4.80 32.54
C HIS C 128 4.96 -4.57 33.09
N SER C 129 5.86 -5.51 32.80
CA SER C 129 7.27 -5.37 33.12
C SER C 129 8.12 -5.08 31.89
N ASP C 130 7.51 -5.06 30.70
CA ASP C 130 8.13 -4.57 29.48
C ASP C 130 7.17 -3.61 28.81
N HIS C 131 7.72 -2.54 28.23
CA HIS C 131 6.95 -1.42 27.70
C HIS C 131 7.23 -1.26 26.22
N TYR C 132 6.20 -0.88 25.46
CA TYR C 132 6.29 -0.85 24.00
C TYR C 132 5.58 0.40 23.47
N CYS C 133 6.24 1.56 23.53
CA CYS C 133 5.60 2.78 23.07
C CYS C 133 6.61 3.75 22.51
N LEU C 134 6.49 4.04 21.23
CA LEU C 134 7.41 4.93 20.53
C LEU C 134 6.75 6.30 20.32
N ASN C 135 7.57 7.34 20.39
CA ASN C 135 7.08 8.65 20.01
C ASN C 135 6.89 8.73 18.51
N LEU C 136 5.92 9.54 18.09
CA LEU C 136 5.68 9.74 16.66
C LEU C 136 5.72 11.21 16.29
N ASP C 137 4.87 12.00 16.92
CA ASP C 137 4.78 13.43 16.67
C ASP C 137 3.97 14.02 17.82
N SER C 138 3.84 15.34 17.81
CA SER C 138 3.08 16.04 18.85
C SER C 138 1.73 15.37 19.09
N GLY C 139 1.50 14.94 20.33
CA GLY C 139 0.22 14.41 20.75
C GLY C 139 -0.05 12.96 20.38
N MET C 140 0.89 12.27 19.73
CA MET C 140 0.64 10.93 19.21
C MET C 140 1.82 10.03 19.53
N VAL C 141 1.55 8.73 19.65
CA VAL C 141 2.55 7.71 19.93
C VAL C 141 2.21 6.46 19.12
N ILE C 142 3.20 5.57 18.97
CA ILE C 142 2.97 4.26 18.36
C ILE C 142 3.02 3.23 19.51
N ASP C 143 1.85 2.65 19.79
CA ASP C 143 1.67 1.69 20.88
C ASP C 143 1.77 0.28 20.29
N SER C 144 2.85 -0.43 20.63
CA SER C 144 3.03 -1.80 20.16
C SER C 144 2.91 -2.81 21.29
N TYR C 145 2.22 -2.45 22.38
CA TYR C 145 1.98 -3.42 23.45
C TYR C 145 1.14 -4.59 22.96
N ARG C 146 0.18 -4.35 22.07
CA ARG C 146 -0.76 -5.37 21.62
C ARG C 146 -0.57 -5.78 20.16
N MET C 147 -0.24 -4.84 19.28
CA MET C 147 -0.07 -5.09 17.86
C MET C 147 1.18 -4.36 17.38
N GLY C 148 1.87 -4.94 16.42
CA GLY C 148 3.04 -4.29 15.86
C GLY C 148 3.88 -5.26 15.06
N ASN C 149 5.20 -5.13 15.14
CA ASN C 149 6.05 -6.01 14.36
C ASN C 149 7.31 -6.26 15.17
N GLU C 150 8.31 -6.90 14.56
CA GLU C 150 9.45 -7.35 15.34
C GLU C 150 10.32 -6.22 15.84
N ALA C 151 10.15 -5.00 15.31
CA ALA C 151 10.91 -3.88 15.88
C ALA C 151 10.50 -3.58 17.32
N ARG C 152 9.35 -4.09 17.78
CA ARG C 152 8.98 -3.93 19.18
C ARG C 152 9.96 -4.61 20.11
N PHE C 153 10.81 -5.50 19.60
CA PHE C 153 11.73 -6.20 20.48
C PHE C 153 13.09 -5.54 20.53
N ILE C 154 13.26 -4.37 19.91
CA ILE C 154 14.57 -3.73 19.88
C ILE C 154 14.80 -2.99 21.19
N ASN C 155 15.95 -3.26 21.82
CA ASN C 155 16.26 -2.75 23.14
C ASN C 155 16.89 -1.36 23.08
N HIS C 156 16.97 -0.75 24.26
CA HIS C 156 17.59 0.56 24.46
C HIS C 156 19.10 0.42 24.66
N SER C 157 19.84 1.39 24.16
CA SER C 157 21.23 1.55 24.57
C SER C 157 21.50 3.03 24.77
N CYS C 158 22.30 3.33 25.80
CA CYS C 158 22.80 4.68 25.98
C CYS C 158 23.86 5.03 24.94
N ASP C 159 24.38 4.04 24.23
CA ASP C 159 25.37 4.22 23.16
C ASP C 159 24.86 3.46 21.94
N PRO C 160 23.78 3.95 21.32
CA PRO C 160 23.06 3.14 20.33
C PRO C 160 23.79 3.03 18.99
N ASN C 161 23.49 1.97 18.27
CA ASN C 161 23.97 1.84 16.90
C ASN C 161 22.90 2.15 15.85
N CYS C 162 21.66 2.41 16.25
CA CYS C 162 20.60 2.77 15.32
C CYS C 162 19.85 3.98 15.83
N GLU C 163 19.05 4.57 14.95
CA GLU C 163 18.19 5.68 15.34
C GLU C 163 16.85 5.55 14.63
N MET C 164 15.83 6.18 15.21
CA MET C 164 14.55 6.33 14.52
C MET C 164 14.55 7.63 13.72
N GLN C 165 13.90 7.60 12.57
CA GLN C 165 13.73 8.78 11.75
C GLN C 165 12.28 8.90 11.36
N LYS C 166 11.72 10.11 11.43
CA LYS C 166 10.35 10.37 11.04
C LYS C 166 10.33 10.85 9.59
N TRP C 167 9.57 10.17 8.74
CA TRP C 167 9.52 10.47 7.32
C TRP C 167 8.09 10.73 6.89
N SER C 168 7.91 11.67 5.98
CA SER C 168 6.61 11.86 5.34
C SER C 168 6.53 10.95 4.13
N VAL C 169 5.54 10.06 4.13
CA VAL C 169 5.39 9.01 3.12
C VAL C 169 3.97 9.08 2.61
N ASN C 170 3.79 9.55 1.38
CA ASN C 170 2.47 9.63 0.76
C ASN C 170 1.49 10.40 1.65
N GLY C 171 2.00 11.43 2.32
CA GLY C 171 1.16 12.31 3.11
C GLY C 171 0.96 11.91 4.56
N VAL C 172 1.59 10.85 5.05
CA VAL C 172 1.46 10.43 6.43
C VAL C 172 2.85 10.21 7.01
N TYR C 173 3.05 10.61 8.26
CA TYR C 173 4.32 10.37 8.94
C TYR C 173 4.43 8.90 9.33
N ARG C 174 5.59 8.29 9.04
CA ARG C 174 5.90 6.94 9.48
C ARG C 174 7.33 6.94 10.01
N ILE C 175 7.62 6.01 10.92
CA ILE C 175 8.88 5.96 11.64
C ILE C 175 9.66 4.75 11.17
N GLY C 176 10.89 4.97 10.76
CA GLY C 176 11.77 3.89 10.37
C GLY C 176 12.99 3.85 11.27
N LEU C 177 13.57 2.66 11.41
CA LEU C 177 14.85 2.47 12.08
C LEU C 177 15.97 2.46 11.05
N TYR C 178 17.04 3.21 11.32
CA TYR C 178 18.17 3.39 10.41
C TYR C 178 19.46 3.21 11.18
N ALA C 179 20.46 2.62 10.51
CA ALA C 179 21.74 2.42 11.18
C ALA C 179 22.48 3.75 11.35
N LEU C 180 23.05 3.96 12.54
CA LEU C 180 23.92 5.10 12.79
C LEU C 180 25.35 4.85 12.33
N LYS C 181 25.75 3.59 12.26
CA LYS C 181 27.13 3.20 12.05
C LYS C 181 27.13 1.83 11.39
N ASP C 182 28.22 1.53 10.68
CA ASP C 182 28.48 0.15 10.27
C ASP C 182 28.41 -0.78 11.48
N MET C 183 27.83 -1.98 11.26
CA MET C 183 27.69 -3.01 12.33
C MET C 183 27.99 -4.38 11.73
N PRO C 184 28.81 -5.19 12.38
CA PRO C 184 29.10 -6.54 11.87
C PRO C 184 27.96 -7.51 12.15
N ALA C 185 28.04 -8.67 11.49
CA ALA C 185 27.08 -9.74 11.69
C ALA C 185 26.97 -10.11 13.17
N GLY C 186 25.75 -10.41 13.62
CA GLY C 186 25.47 -10.79 14.99
C GLY C 186 25.19 -9.64 15.93
N THR C 187 25.33 -8.40 15.45
CA THR C 187 25.18 -7.22 16.30
C THR C 187 23.74 -7.05 16.74
N GLU C 188 23.54 -6.84 18.04
CA GLU C 188 22.21 -6.52 18.53
C GLU C 188 21.88 -5.08 18.17
N LEU C 189 20.71 -4.86 17.56
CA LEU C 189 20.26 -3.51 17.26
C LEU C 189 19.77 -2.78 18.50
N THR C 190 20.11 -1.49 18.59
CA THR C 190 19.72 -0.70 19.74
C THR C 190 19.47 0.73 19.27
N TYR C 191 18.58 1.41 19.99
CA TYR C 191 18.43 2.85 19.81
C TYR C 191 18.21 3.49 21.18
N ASP C 192 18.33 4.81 21.22
CA ASP C 192 18.27 5.54 22.49
C ASP C 192 16.82 5.91 22.78
N TYR C 193 16.20 5.22 23.77
CA TYR C 193 14.82 5.52 24.12
C TYR C 193 14.65 6.94 24.62
N ASN C 194 15.69 7.51 25.23
CA ASN C 194 15.59 8.89 25.66
C ASN C 194 15.24 9.81 24.50
N PHE C 195 15.78 9.52 23.31
CA PHE C 195 15.49 10.36 22.14
C PHE C 195 14.19 9.98 21.47
N HIS C 196 13.85 8.69 21.41
CA HIS C 196 12.82 8.23 20.49
C HIS C 196 11.57 7.65 21.14
N SER C 197 11.61 7.29 22.42
CA SER C 197 10.53 6.54 23.02
C SER C 197 9.68 7.42 23.93
N PHE C 198 8.40 7.06 24.05
CA PHE C 198 7.50 7.76 24.96
C PHE C 198 7.90 7.54 26.40
N ASN C 199 7.83 8.59 27.21
CA ASN C 199 8.18 8.48 28.62
C ASN C 199 7.02 7.81 29.36
N VAL C 200 7.11 6.49 29.54
CA VAL C 200 6.08 5.74 30.24
C VAL C 200 6.17 5.96 31.75
N GLU C 201 7.20 6.70 32.20
CA GLU C 201 7.37 7.07 33.61
C GLU C 201 7.56 5.84 34.49
N LYS C 202 8.32 4.87 33.99
CA LYS C 202 8.69 3.68 34.75
C LYS C 202 10.21 3.61 34.79
N ALA C 203 10.76 3.38 35.98
CA ALA C 203 12.18 3.33 36.20
C ALA C 203 12.66 1.90 36.08
N GLN C 204 13.54 1.62 35.12
CA GLN C 204 14.08 0.30 34.87
C GLN C 204 15.59 0.41 34.73
N LEU C 205 16.31 -0.50 35.39
CA LEU C 205 17.77 -0.47 35.33
C LEU C 205 18.23 -0.81 33.92
N CYS C 206 19.15 0.00 33.39
CA CYS C 206 19.69 -0.20 32.05
C CYS C 206 20.89 -1.13 32.10
N LYS C 207 20.85 -2.18 31.30
CA LYS C 207 21.96 -3.12 31.20
C LYS C 207 22.72 -2.97 29.89
N CYS C 208 22.79 -1.76 29.34
CA CYS C 208 23.39 -1.61 28.01
C CYS C 208 24.90 -1.82 28.01
N GLY C 209 25.56 -1.68 29.17
CA GLY C 209 26.98 -1.95 29.29
C GLY C 209 27.88 -0.78 28.97
N PHE C 210 27.32 0.35 28.53
CA PHE C 210 28.10 1.51 28.15
C PHE C 210 28.83 2.10 29.35
N GLU C 211 30.07 2.53 29.12
CA GLU C 211 30.83 3.19 30.18
C GLU C 211 30.09 4.39 30.75
N LYS C 212 29.32 5.10 29.92
CA LYS C 212 28.55 6.27 30.36
C LYS C 212 27.05 5.98 30.39
N CYS C 213 26.70 4.74 30.71
CA CYS C 213 25.31 4.37 30.90
C CYS C 213 24.63 5.31 31.88
N ARG C 214 23.40 5.71 31.53
CA ARG C 214 22.54 6.59 32.33
C ARG C 214 21.96 5.89 33.54
N GLY C 215 22.17 4.60 33.69
CA GLY C 215 21.68 3.89 34.88
C GLY C 215 20.26 3.39 34.81
N ILE C 216 19.34 4.25 34.39
CA ILE C 216 17.97 3.82 34.14
C ILE C 216 17.62 4.17 32.70
N ILE C 217 16.75 3.36 32.12
CA ILE C 217 16.37 3.56 30.73
C ILE C 217 15.65 4.90 30.62
N GLY C 218 16.13 5.74 29.70
CA GLY C 218 15.58 7.06 29.49
C GLY C 218 16.11 8.12 30.43
N GLY C 219 17.04 7.78 31.31
CA GLY C 219 17.56 8.74 32.26
C GLY C 219 18.35 9.85 31.57
N LYS C 220 18.42 10.98 32.26
CA LYS C 220 19.19 12.12 31.79
C LYS C 220 20.66 11.97 32.17
N GLY D 1 4.35 11.81 21.78
CA GLY D 1 4.96 13.12 21.57
C GLY D 1 6.00 13.13 20.48
N ALA D 2 6.63 14.29 20.29
CA ALA D 2 7.69 14.40 19.31
C ALA D 2 8.98 13.82 19.87
N MET D 3 9.80 13.27 18.97
CA MET D 3 11.09 12.76 19.39
C MET D 3 12.04 13.91 19.70
N ALA D 4 13.14 13.59 20.37
CA ALA D 4 14.08 14.63 20.77
C ALA D 4 14.67 15.33 19.55
N GLY D 5 14.87 16.64 19.67
CA GLY D 5 15.44 17.42 18.58
C GLY D 5 14.60 17.46 17.32
N SER D 6 13.30 17.20 17.43
CA SER D 6 12.44 17.18 16.26
C SER D 6 12.12 18.60 15.81
N TYR D 7 11.89 18.74 14.51
CA TYR D 7 11.60 20.02 13.89
C TYR D 7 11.07 19.72 12.50
N LYS D 8 10.44 20.72 11.89
CA LYS D 8 9.90 20.56 10.56
C LYS D 8 10.98 20.91 9.54
N LYS D 9 11.36 19.96 8.70
CA LYS D 9 12.39 20.19 7.71
C LYS D 9 11.82 20.95 6.51
N ILE D 10 12.49 22.04 6.14
CA ILE D 10 12.06 22.86 5.02
C ILE D 10 13.20 22.98 4.02
N ARG D 11 12.86 23.40 2.81
CA ARG D 11 13.83 23.61 1.76
C ARG D 11 14.21 25.07 1.58
N SER D 12 13.39 25.99 2.07
CA SER D 12 13.70 27.41 1.95
C SER D 12 12.97 28.15 3.06
N ASN D 13 13.37 29.40 3.26
CA ASN D 13 12.88 30.17 4.39
C ASN D 13 11.37 30.39 4.30
N VAL D 14 10.75 30.49 5.48
CA VAL D 14 9.33 30.80 5.63
C VAL D 14 9.23 32.23 6.15
N TYR D 15 8.56 33.09 5.39
CA TYR D 15 8.45 34.50 5.78
C TYR D 15 7.17 34.69 6.60
N VAL D 16 7.34 35.05 7.87
CA VAL D 16 6.17 35.14 8.74
C VAL D 16 5.59 36.54 8.73
N ASP D 17 6.30 37.51 9.28
CA ASP D 17 5.78 38.87 9.27
C ASP D 17 6.74 39.86 8.67
N VAL D 18 7.88 39.40 8.17
CA VAL D 18 8.86 40.22 7.48
C VAL D 18 9.44 39.38 6.36
N LYS D 19 10.04 40.06 5.38
CA LYS D 19 10.76 39.39 4.31
C LYS D 19 11.99 40.23 3.96
N PRO D 20 13.19 39.65 3.97
CA PRO D 20 14.42 40.45 3.81
C PRO D 20 14.77 40.71 2.34
N LEU D 21 14.05 41.66 1.74
CA LEU D 21 14.27 42.00 0.33
C LEU D 21 15.59 42.72 0.15
N SER D 22 16.27 42.43 -0.95
CA SER D 22 17.61 42.94 -1.23
C SER D 22 17.66 43.91 -2.40
N GLY D 23 16.53 44.20 -3.05
CA GLY D 23 16.61 45.01 -4.24
C GLY D 23 16.60 44.22 -5.53
N TYR D 24 17.25 44.74 -6.57
CA TYR D 24 17.12 44.13 -7.88
C TYR D 24 17.87 42.79 -7.96
N GLU D 25 17.42 41.94 -8.88
CA GLU D 25 18.18 40.72 -9.14
C GLU D 25 19.45 41.10 -9.89
N ALA D 26 20.50 40.29 -9.67
CA ALA D 26 21.84 40.69 -10.11
C ALA D 26 21.88 40.99 -11.60
N THR D 27 22.64 42.04 -11.95
CA THR D 27 22.84 42.39 -13.34
C THR D 27 23.93 41.50 -13.93
N THR D 28 24.09 41.61 -15.25
CA THR D 28 25.13 40.87 -15.95
C THR D 28 26.52 41.31 -15.50
N CYS D 29 27.36 40.35 -15.11
CA CYS D 29 28.74 40.64 -14.74
C CYS D 29 29.60 40.70 -16.00
N ASN D 30 30.91 40.84 -15.83
CA ASN D 30 31.85 40.93 -16.95
C ASN D 30 32.61 39.64 -17.17
N CYS D 31 32.14 38.54 -16.60
CA CYS D 31 32.82 37.27 -16.74
C CYS D 31 32.59 36.71 -18.14
N LYS D 32 33.59 36.01 -18.65
CA LYS D 32 33.53 35.38 -19.96
C LYS D 32 33.07 33.94 -19.78
N LYS D 33 32.00 33.56 -20.47
CA LYS D 33 31.57 32.18 -20.49
C LYS D 33 32.70 31.33 -21.09
N PRO D 34 33.23 30.37 -20.36
CA PRO D 34 34.26 29.51 -20.96
C PRO D 34 33.69 28.81 -22.18
N ASP D 35 34.48 28.78 -23.26
CA ASP D 35 34.02 28.15 -24.49
C ASP D 35 33.66 26.68 -24.25
N ASP D 36 34.26 26.07 -23.23
CA ASP D 36 34.05 24.67 -22.92
C ASP D 36 32.88 24.51 -21.95
N ASP D 37 32.03 23.52 -22.25
CA ASP D 37 30.82 23.25 -21.46
C ASP D 37 31.14 22.93 -20.01
N THR D 38 32.23 22.21 -19.78
CA THR D 38 32.53 21.61 -18.49
C THR D 38 33.35 22.52 -17.59
N ARG D 39 33.69 23.73 -18.04
CA ARG D 39 34.56 24.62 -17.29
C ARG D 39 33.74 25.59 -16.45
N LYS D 40 34.37 26.07 -15.37
CA LYS D 40 33.72 26.97 -14.44
C LYS D 40 33.76 28.42 -14.91
N GLY D 41 32.65 29.14 -14.71
CA GLY D 41 32.61 30.57 -14.92
C GLY D 41 32.21 31.26 -13.62
N CYS D 42 32.35 32.59 -13.61
CA CYS D 42 32.05 33.43 -12.44
C CYS D 42 32.75 32.91 -11.20
N VAL D 43 34.07 32.98 -11.27
CA VAL D 43 35.00 32.39 -10.32
C VAL D 43 35.48 33.57 -9.48
N ASP D 44 36.58 33.39 -8.75
CA ASP D 44 37.01 34.30 -7.71
C ASP D 44 36.93 35.78 -8.07
N ASP D 45 36.91 36.15 -9.35
CA ASP D 45 36.98 37.56 -9.77
C ASP D 45 35.63 38.12 -10.22
N CYS D 46 34.54 37.37 -10.07
CA CYS D 46 33.21 37.80 -10.55
C CYS D 46 32.74 39.08 -9.86
N LEU D 47 32.31 40.06 -10.65
CA LEU D 47 31.86 41.34 -10.12
C LEU D 47 30.70 41.16 -9.13
N ASN D 48 29.83 40.18 -9.38
CA ASN D 48 28.72 39.95 -8.47
C ASN D 48 29.20 39.27 -7.19
N ARG D 49 30.02 38.22 -7.33
CA ARG D 49 30.56 37.53 -6.16
C ARG D 49 31.27 38.51 -5.22
N MET D 50 31.97 39.49 -5.79
CA MET D 50 32.77 40.41 -4.98
C MET D 50 31.93 41.35 -4.12
N ILE D 51 30.63 41.49 -4.39
CA ILE D 51 29.74 42.27 -3.53
C ILE D 51 28.60 41.42 -2.98
N PHE D 52 28.87 40.13 -2.78
CA PHE D 52 27.99 39.21 -2.07
C PHE D 52 26.60 39.18 -2.69
N ALA D 53 26.58 39.21 -4.02
CA ALA D 53 25.38 39.04 -4.83
C ALA D 53 25.55 37.76 -5.64
N GLU D 54 24.65 36.80 -5.47
CA GLU D 54 24.71 35.67 -6.38
C GLU D 54 24.21 36.12 -7.75
N CYS D 55 24.78 35.52 -8.80
CA CYS D 55 24.28 35.81 -10.13
C CYS D 55 22.83 35.38 -10.28
N SER D 56 22.14 36.01 -11.24
CA SER D 56 20.81 35.58 -11.67
C SER D 56 20.93 34.77 -12.94
N PRO D 57 20.24 33.63 -13.01
CA PRO D 57 20.27 32.85 -14.26
C PRO D 57 19.69 33.62 -15.43
N ASN D 58 18.84 34.62 -15.18
CA ASN D 58 18.25 35.42 -16.27
C ASN D 58 19.27 36.35 -16.92
N THR D 59 20.38 36.66 -16.24
CA THR D 59 21.29 37.70 -16.70
C THR D 59 22.76 37.28 -16.72
N CYS D 60 23.12 36.17 -16.10
CA CYS D 60 24.53 35.80 -16.05
C CYS D 60 25.00 35.34 -17.42
N PRO D 61 26.17 35.81 -17.89
CA PRO D 61 26.67 35.38 -19.20
C PRO D 61 27.21 33.97 -19.21
N CYS D 62 27.43 33.36 -18.04
CA CYS D 62 28.01 32.03 -17.97
C CYS D 62 26.97 30.91 -17.96
N GLY D 63 25.68 31.24 -17.92
CA GLY D 63 24.64 30.23 -18.04
C GLY D 63 24.77 29.19 -16.95
N GLU D 64 24.73 27.91 -17.37
CA GLU D 64 24.83 26.79 -16.45
C GLU D 64 26.24 26.61 -15.88
N GLN D 65 27.25 27.26 -16.45
CA GLN D 65 28.60 27.17 -15.91
C GLN D 65 28.87 28.14 -14.76
N CYS D 66 27.92 28.99 -14.41
CA CYS D 66 28.13 29.95 -13.33
C CYS D 66 28.35 29.24 -12.01
N CYS D 67 29.47 29.52 -11.35
CA CYS D 67 29.79 29.00 -10.03
C CYS D 67 29.35 29.92 -8.89
N ASN D 68 28.71 31.05 -9.20
CA ASN D 68 28.25 32.02 -8.22
C ASN D 68 26.74 31.94 -8.01
N GLN D 69 26.18 30.73 -7.97
CA GLN D 69 24.77 30.50 -7.69
C GLN D 69 24.64 29.38 -6.67
N ARG D 70 25.58 29.36 -5.71
CA ARG D 70 25.69 28.26 -4.76
C ARG D 70 24.44 28.09 -3.90
N ILE D 71 23.97 29.19 -3.29
CA ILE D 71 22.79 29.08 -2.41
C ILE D 71 21.56 28.71 -3.22
N GLN D 72 21.29 29.41 -4.31
CA GLN D 72 20.03 29.18 -5.01
C GLN D 72 19.98 27.81 -5.66
N ARG D 73 21.13 27.23 -6.01
CA ARG D 73 21.17 25.86 -6.52
C ARG D 73 21.31 24.82 -5.41
N HIS D 74 21.26 25.23 -4.14
CA HIS D 74 21.36 24.31 -2.99
C HIS D 74 22.60 23.44 -3.08
N GLU D 75 23.75 24.07 -3.34
CA GLU D 75 24.99 23.31 -3.49
C GLU D 75 25.58 22.98 -2.13
N TRP D 76 24.76 22.40 -1.25
CA TRP D 76 25.22 22.05 0.09
C TRP D 76 26.23 20.92 0.02
N VAL D 77 27.20 20.93 0.94
CA VAL D 77 28.05 19.75 1.05
C VAL D 77 27.22 18.57 1.55
N GLN D 78 27.60 17.37 1.13
CA GLN D 78 26.81 16.16 1.40
C GLN D 78 27.49 15.25 2.40
N CYS D 79 28.47 15.77 3.12
CA CYS D 79 29.31 14.99 4.02
C CYS D 79 29.08 15.36 5.49
N LEU D 80 27.97 16.01 5.79
CA LEU D 80 27.72 16.43 7.16
C LEU D 80 27.05 15.31 7.93
N GLU D 81 27.25 15.33 9.25
CA GLU D 81 26.72 14.30 10.13
C GLU D 81 26.40 14.90 11.47
N ARG D 82 25.18 14.64 11.97
CA ARG D 82 24.86 15.04 13.33
C ARG D 82 25.45 14.02 14.31
N PHE D 83 26.02 14.51 15.40
CA PHE D 83 26.69 13.63 16.36
C PHE D 83 26.52 14.20 17.77
N ARG D 84 26.88 13.40 18.77
CA ARG D 84 26.84 13.86 20.15
C ARG D 84 28.12 14.59 20.47
N ALA D 85 28.04 15.90 20.62
CA ALA D 85 29.20 16.74 20.92
C ALA D 85 29.31 16.88 22.43
N GLU D 86 30.47 16.50 22.99
CA GLU D 86 30.66 16.46 24.44
C GLU D 86 30.22 17.76 25.11
N GLU D 87 29.29 17.65 26.07
CA GLU D 87 28.74 18.74 26.88
C GLU D 87 28.05 19.81 26.05
N LYS D 88 27.75 19.56 24.78
CA LYS D 88 27.11 20.52 23.90
C LYS D 88 25.93 19.90 23.15
N GLY D 89 25.32 18.87 23.73
CA GLY D 89 24.22 18.21 23.06
C GLY D 89 24.60 17.66 21.70
N TRP D 90 23.80 17.96 20.70
CA TRP D 90 24.09 17.53 19.33
C TRP D 90 24.90 18.62 18.62
N GLY D 91 25.83 18.17 17.77
CA GLY D 91 26.56 19.06 16.89
C GLY D 91 26.56 18.51 15.47
N ILE D 92 27.21 19.25 14.57
CA ILE D 92 27.36 18.84 13.18
C ILE D 92 28.85 18.76 12.90
N ARG D 93 29.29 17.62 12.37
CA ARG D 93 30.68 17.46 11.95
C ARG D 93 30.74 17.11 10.46
N THR D 94 31.91 17.39 9.87
CA THR D 94 32.13 17.02 8.48
C THR D 94 32.91 15.71 8.44
N LYS D 95 32.46 14.79 7.59
CA LYS D 95 33.17 13.51 7.43
C LYS D 95 34.28 13.58 6.41
N GLU D 96 34.42 14.70 5.71
CA GLU D 96 35.42 14.93 4.69
C GLU D 96 36.12 16.25 4.97
N PRO D 97 37.36 16.40 4.53
CA PRO D 97 38.04 17.69 4.72
C PRO D 97 37.31 18.79 3.96
N LEU D 98 37.36 20.00 4.52
CA LEU D 98 36.78 21.18 3.90
C LEU D 98 37.87 22.21 3.66
N LYS D 99 37.60 23.12 2.74
CA LYS D 99 38.59 24.11 2.32
C LYS D 99 38.14 25.51 2.71
N ALA D 100 39.10 26.36 3.11
CA ALA D 100 38.77 27.73 3.48
C ALA D 100 37.91 28.38 2.41
N GLY D 101 36.83 29.03 2.85
CA GLY D 101 35.91 29.71 1.96
C GLY D 101 34.81 28.86 1.37
N GLN D 102 34.83 27.55 1.59
CA GLN D 102 33.87 26.64 0.99
C GLN D 102 32.46 26.91 1.50
N PHE D 103 31.50 27.00 0.57
CA PHE D 103 30.10 27.02 0.98
C PHE D 103 29.70 25.66 1.57
N ILE D 104 29.04 25.67 2.72
CA ILE D 104 28.67 24.42 3.40
C ILE D 104 27.17 24.15 3.31
N ILE D 105 26.35 25.10 3.74
CA ILE D 105 24.90 24.88 3.81
C ILE D 105 24.23 26.22 4.00
N GLU D 106 22.99 26.35 3.54
CA GLU D 106 22.17 27.51 3.86
C GLU D 106 21.58 27.34 5.25
N TYR D 107 21.46 28.45 6.00
CA TYR D 107 20.76 28.43 7.27
C TYR D 107 19.29 28.77 7.02
N LEU D 108 18.40 27.83 7.37
CA LEU D 108 16.98 27.95 7.06
C LEU D 108 16.14 28.09 8.33
N GLY D 109 14.98 28.71 8.19
CA GLY D 109 14.05 28.80 9.31
C GLY D 109 12.90 29.73 8.97
N GLU D 110 12.19 30.16 10.01
CA GLU D 110 11.14 31.16 9.89
C GLU D 110 11.73 32.55 10.06
N VAL D 111 11.57 33.40 9.05
CA VAL D 111 12.02 34.78 9.16
C VAL D 111 10.92 35.58 9.85
N VAL D 112 11.22 36.10 11.04
CA VAL D 112 10.27 36.82 11.88
C VAL D 112 10.89 38.12 12.36
N SER D 113 10.03 39.07 12.71
CA SER D 113 10.54 40.28 13.34
C SER D 113 11.16 39.96 14.71
N GLU D 114 11.98 40.88 15.20
CA GLU D 114 12.47 40.74 16.56
C GLU D 114 11.32 40.74 17.56
N GLN D 115 10.29 41.53 17.27
CA GLN D 115 9.11 41.59 18.14
C GLN D 115 8.39 40.24 18.18
N GLU D 116 8.19 39.63 17.01
CA GLU D 116 7.52 38.34 16.96
C GLU D 116 8.35 37.26 17.64
N PHE D 117 9.67 37.26 17.43
CA PHE D 117 10.50 36.26 18.09
C PHE D 117 10.47 36.41 19.60
N ARG D 118 10.52 37.65 20.09
CA ARG D 118 10.51 37.85 21.54
C ARG D 118 9.17 37.44 22.15
N ASN D 119 8.07 37.64 21.43
CA ASN D 119 6.79 37.10 21.87
C ASN D 119 6.81 35.57 21.88
N ARG D 120 7.43 34.95 20.87
CA ARG D 120 7.56 33.50 20.87
C ARG D 120 8.38 33.01 22.04
N MET D 121 9.42 33.77 22.41
CA MET D 121 10.25 33.42 23.55
C MET D 121 9.45 33.49 24.85
N ILE D 122 8.63 34.52 25.00
CA ILE D 122 7.78 34.66 26.18
C ILE D 122 6.72 33.57 26.21
N GLU D 123 6.02 33.37 25.09
CA GLU D 123 4.88 32.45 25.07
C GLU D 123 5.31 30.98 25.07
N GLN D 124 6.36 30.62 24.32
CA GLN D 124 6.61 29.19 24.18
C GLN D 124 8.05 28.72 24.27
N TYR D 125 9.06 29.59 24.17
CA TYR D 125 10.45 29.13 24.27
C TYR D 125 11.06 29.38 25.64
N HIS D 126 10.28 29.88 26.61
CA HIS D 126 10.86 30.46 27.83
C HIS D 126 11.70 29.45 28.60
N ASN D 127 11.23 28.22 28.72
CA ASN D 127 11.92 27.17 29.47
C ASN D 127 12.64 26.18 28.57
N HIS D 128 13.06 26.61 27.37
CA HIS D 128 13.88 25.76 26.52
C HIS D 128 15.33 25.86 26.97
N SER D 129 16.04 24.74 26.88
CA SER D 129 17.44 24.71 27.26
C SER D 129 18.37 24.80 26.07
N ASP D 130 17.82 24.74 24.85
CA ASP D 130 18.54 24.99 23.61
C ASP D 130 17.81 26.07 22.82
N HIS D 131 18.57 26.95 22.18
CA HIS D 131 18.03 28.09 21.45
C HIS D 131 18.47 28.02 20.00
N TYR D 132 17.59 28.44 19.09
CA TYR D 132 17.82 28.31 17.65
C TYR D 132 17.38 29.60 16.95
N CYS D 133 18.25 30.60 16.89
CA CYS D 133 17.84 31.89 16.35
CA CYS D 133 17.83 31.87 16.30
C CYS D 133 19.05 32.64 15.80
N LEU D 134 19.02 32.99 14.52
CA LEU D 134 20.11 33.71 13.88
C LEU D 134 19.75 35.18 13.70
N ASN D 135 20.75 36.04 13.87
CA ASN D 135 20.60 37.50 13.77
C ASN D 135 20.70 37.89 12.30
N LEU D 136 19.55 38.13 11.66
CA LEU D 136 19.52 38.40 10.22
C LEU D 136 19.90 39.84 9.93
N ASP D 137 19.13 40.79 10.44
CA ASP D 137 19.44 42.21 10.37
C ASP D 137 18.78 42.86 11.57
N SER D 138 19.06 44.15 11.75
CA SER D 138 18.67 44.86 12.98
C SER D 138 17.21 44.63 13.38
N GLY D 139 16.34 44.36 12.42
CA GLY D 139 14.93 44.20 12.75
C GLY D 139 14.35 42.81 12.61
N MET D 140 15.14 41.83 12.22
CA MET D 140 14.56 40.52 11.91
C MET D 140 15.56 39.43 12.25
N VAL D 141 15.02 38.23 12.48
CA VAL D 141 15.81 37.07 12.84
C VAL D 141 15.30 35.86 12.07
N ILE D 142 16.11 34.82 12.04
CA ILE D 142 15.70 33.52 11.49
C ILE D 142 15.55 32.59 12.68
N ASP D 143 14.31 32.21 12.93
CA ASP D 143 13.92 31.38 14.07
C ASP D 143 13.82 29.95 13.55
N SER D 144 14.72 29.09 14.02
CA SER D 144 14.70 27.69 13.62
C SER D 144 14.31 26.77 14.78
N TYR D 145 13.58 27.31 15.77
CA TYR D 145 13.10 26.46 16.87
C TYR D 145 12.14 25.41 16.35
N ARG D 146 11.31 25.76 15.38
CA ARG D 146 10.25 24.89 14.89
C ARG D 146 10.48 24.34 13.50
N MET D 147 11.07 25.12 12.59
CA MET D 147 11.31 24.70 11.21
C MET D 147 12.71 25.10 10.78
N GLY D 148 13.30 24.32 9.88
CA GLY D 148 14.64 24.65 9.43
C GLY D 148 15.35 23.48 8.76
N ASN D 149 16.66 23.39 8.96
CA ASN D 149 17.46 22.30 8.39
C ASN D 149 18.57 21.99 9.38
N GLU D 150 19.53 21.15 8.96
CA GLU D 150 20.51 20.66 9.93
C GLU D 150 21.49 21.74 10.40
N ALA D 151 21.53 22.89 9.73
CA ALA D 151 22.35 23.97 10.25
C ALA D 151 21.94 24.39 11.66
N ARG D 152 20.69 24.11 12.05
CA ARG D 152 20.24 24.50 13.38
C ARG D 152 20.98 23.77 14.48
N PHE D 153 21.69 22.68 14.16
CA PHE D 153 22.41 21.91 15.15
C PHE D 153 23.87 22.34 15.30
N ILE D 154 24.32 23.34 14.56
CA ILE D 154 25.72 23.74 14.61
C ILE D 154 25.97 24.59 15.84
N ASN D 155 27.01 24.23 16.60
CA ASN D 155 27.30 24.82 17.89
C ASN D 155 28.19 26.06 17.78
N HIS D 156 28.28 26.77 18.91
CA HIS D 156 29.11 27.95 19.05
C HIS D 156 30.55 27.56 19.36
N SER D 157 31.50 28.34 18.83
CA SER D 157 32.86 28.34 19.33
C SER D 157 33.39 29.77 19.43
N CYS D 158 34.13 30.03 20.50
CA CYS D 158 34.86 31.29 20.61
C CYS D 158 36.04 31.35 19.64
N ASP D 159 36.43 30.22 19.04
CA ASP D 159 37.46 30.16 18.01
C ASP D 159 36.88 29.39 16.83
N PRO D 160 35.98 30.01 16.08
CA PRO D 160 35.14 29.26 15.13
C PRO D 160 35.90 28.84 13.88
N ASN D 161 35.40 27.78 13.24
CA ASN D 161 35.95 27.36 11.95
C ASN D 161 35.03 27.67 10.77
N CYS D 162 33.83 28.19 11.02
CA CYS D 162 32.94 28.64 9.96
C CYS D 162 32.33 29.99 10.34
N GLU D 163 31.72 30.64 9.36
CA GLU D 163 31.02 31.89 9.61
C GLU D 163 29.75 31.94 8.77
N MET D 164 28.83 32.81 9.15
CA MET D 164 27.69 33.13 8.32
C MET D 164 28.02 34.30 7.39
N GLN D 165 27.52 34.24 6.16
CA GLN D 165 27.60 35.35 5.20
C GLN D 165 26.21 35.62 4.66
N LYS D 166 25.89 36.90 4.53
CA LYS D 166 24.63 37.35 3.98
C LYS D 166 24.81 37.60 2.48
N TRP D 167 24.01 36.91 1.66
CA TRP D 167 24.07 37.03 0.22
C TRP D 167 22.72 37.49 -0.34
N SER D 168 22.78 38.41 -1.30
CA SER D 168 21.58 38.75 -2.04
C SER D 168 21.38 37.71 -3.15
N VAL D 169 20.17 37.15 -3.22
CA VAL D 169 19.91 36.03 -4.13
C VAL D 169 18.60 36.29 -4.88
N ASN D 170 18.69 36.87 -6.06
CA ASN D 170 17.52 37.15 -6.90
C ASN D 170 16.44 37.92 -6.13
N GLY D 171 16.88 38.93 -5.37
CA GLY D 171 15.97 39.87 -4.74
C GLY D 171 15.63 39.63 -3.29
N VAL D 172 16.14 38.57 -2.68
CA VAL D 172 15.95 38.35 -1.26
C VAL D 172 17.30 37.95 -0.68
N TYR D 173 17.55 38.37 0.54
CA TYR D 173 18.73 37.91 1.26
C TYR D 173 18.54 36.47 1.75
N ARG D 174 19.62 35.69 1.66
CA ARG D 174 19.69 34.34 2.19
C ARG D 174 21.03 34.21 2.90
N ILE D 175 21.11 33.35 3.91
CA ILE D 175 22.27 33.28 4.78
C ILE D 175 22.94 31.92 4.58
N GLY D 176 24.21 31.93 4.21
CA GLY D 176 24.99 30.72 4.06
C GLY D 176 26.06 30.58 5.13
N LEU D 177 26.38 29.33 5.46
CA LEU D 177 27.52 29.00 6.30
C LEU D 177 28.69 28.68 5.39
N TYR D 178 29.85 29.29 5.66
CA TYR D 178 31.05 29.13 4.85
C TYR D 178 32.23 28.85 5.76
N ALA D 179 33.15 28.02 5.28
CA ALA D 179 34.35 27.69 6.02
C ALA D 179 35.26 28.92 6.18
N LEU D 180 35.81 29.09 7.39
CA LEU D 180 36.80 30.13 7.60
C LEU D 180 38.22 29.64 7.33
N LYS D 181 38.42 28.33 7.32
CA LYS D 181 39.75 27.74 7.26
C LYS D 181 39.61 26.32 6.73
N ASP D 182 40.73 25.77 6.23
CA ASP D 182 40.82 24.35 5.98
C ASP D 182 40.58 23.59 7.28
N MET D 183 39.76 22.54 7.20
CA MET D 183 39.44 21.68 8.33
C MET D 183 39.59 20.22 7.93
N PRO D 184 40.18 19.39 8.79
CA PRO D 184 40.26 17.96 8.51
C PRO D 184 38.93 17.26 8.70
N ALA D 185 38.80 16.09 8.07
CA ALA D 185 37.67 15.21 8.32
C ALA D 185 37.49 15.01 9.82
N GLY D 186 36.23 14.92 10.25
CA GLY D 186 35.89 14.76 11.65
C GLY D 186 35.72 16.05 12.43
N THR D 187 36.03 17.20 11.84
CA THR D 187 35.92 18.47 12.55
C THR D 187 34.47 18.81 12.84
N GLU D 188 34.18 19.15 14.09
CA GLU D 188 32.88 19.73 14.41
C GLU D 188 32.82 21.15 13.86
N LEU D 189 31.82 21.42 13.01
CA LEU D 189 31.59 22.76 12.51
C LEU D 189 31.10 23.68 13.62
N THR D 190 31.56 24.93 13.60
CA THR D 190 31.20 25.91 14.61
C THR D 190 31.20 27.30 13.99
N TYR D 191 30.43 28.21 14.57
CA TYR D 191 30.55 29.62 14.24
C TYR D 191 30.40 30.43 15.52
N ASP D 192 30.71 31.72 15.42
CA ASP D 192 30.75 32.59 16.59
C ASP D 192 29.38 33.22 16.81
N TYR D 193 28.65 32.74 17.83
CA TYR D 193 27.31 33.24 18.09
C TYR D 193 27.32 34.70 18.46
N ASN D 194 28.42 35.20 19.03
CA ASN D 194 28.48 36.62 19.39
C ASN D 194 28.23 37.50 18.17
N PHE D 195 28.76 37.10 17.01
CA PHE D 195 28.58 37.87 15.79
C PHE D 195 27.27 37.56 15.09
N HIS D 196 26.88 36.28 15.06
CA HIS D 196 25.85 35.87 14.13
C HIS D 196 24.51 35.51 14.77
N SER D 197 24.46 35.28 16.07
CA SER D 197 23.27 34.72 16.69
C SER D 197 22.54 35.80 17.48
N PHE D 198 21.21 35.69 17.48
CA PHE D 198 20.39 36.64 18.22
C PHE D 198 20.66 36.53 19.71
N ASN D 199 20.80 37.69 20.38
CA ASN D 199 21.06 37.70 21.82
C ASN D 199 19.78 37.28 22.55
N VAL D 200 19.70 36.02 22.97
CA VAL D 200 18.51 35.53 23.66
C VAL D 200 18.49 35.89 25.14
N GLU D 201 19.47 36.65 25.61
CA GLU D 201 19.51 37.13 27.00
C GLU D 201 19.44 35.97 28.00
N LYS D 202 20.09 34.86 27.66
CA LYS D 202 20.22 33.69 28.52
C LYS D 202 21.71 33.41 28.67
N ALA D 203 22.16 33.17 29.89
CA ALA D 203 23.56 32.83 30.14
C ALA D 203 23.71 31.31 30.13
N GLN D 204 24.57 30.82 29.24
CA GLN D 204 24.90 29.40 29.19
C GLN D 204 26.42 29.29 29.15
N LEU D 205 26.95 28.31 29.88
CA LEU D 205 28.39 28.11 29.92
C LEU D 205 28.88 27.62 28.56
N CYS D 206 29.95 28.21 28.06
CA CYS D 206 30.53 27.78 26.80
C CYS D 206 31.51 26.64 27.03
N LYS D 207 31.34 25.56 26.28
CA LYS D 207 32.21 24.39 26.36
C LYS D 207 33.04 24.19 25.09
N CYS D 208 33.36 25.29 24.39
CA CYS D 208 34.12 25.18 23.14
C CYS D 208 35.54 24.69 23.38
N GLY D 209 36.09 24.95 24.57
CA GLY D 209 37.38 24.42 24.94
C GLY D 209 38.57 25.23 24.48
N PHE D 210 38.36 26.36 23.81
CA PHE D 210 39.50 27.08 23.30
CA PHE D 210 39.44 27.18 23.27
C PHE D 210 40.14 27.95 24.39
N GLU D 211 41.46 28.11 24.25
CA GLU D 211 42.24 28.74 25.33
C GLU D 211 41.67 30.10 25.73
N LYS D 212 41.18 30.87 24.77
CA LYS D 212 40.59 32.17 25.06
C LYS D 212 39.07 32.12 24.93
N CYS D 213 38.49 31.03 25.41
CA CYS D 213 37.04 30.94 25.54
C CYS D 213 36.54 32.10 26.40
N ARG D 214 35.40 32.67 26.00
CA ARG D 214 34.79 33.79 26.69
C ARG D 214 33.97 33.37 27.88
N GLY D 215 33.85 32.06 28.13
CA GLY D 215 33.20 31.54 29.31
C GLY D 215 31.70 31.39 29.19
N ILE D 216 31.06 32.36 28.53
CA ILE D 216 29.62 32.39 28.35
C ILE D 216 29.35 32.49 26.86
N ILE D 217 28.32 31.79 26.39
CA ILE D 217 27.98 31.85 24.96
C ILE D 217 27.49 33.24 24.62
N GLY D 218 28.05 33.81 23.55
CA GLY D 218 27.69 35.14 23.10
C GLY D 218 28.46 36.27 23.75
N GLY D 219 29.30 35.99 24.75
CA GLY D 219 30.00 37.05 25.43
C GLY D 219 30.94 37.82 24.52
N LYS D 220 31.27 39.03 24.98
CA LYS D 220 32.30 39.93 24.43
C LYS D 220 32.69 39.72 22.97
C02 UK7 E . -20.71 -38.02 -15.02
C03 UK7 E . -21.49 -38.22 -16.30
C04 UK7 E . -21.08 -37.54 -17.45
C05 UK7 E . -21.78 -37.73 -18.63
C06 UK7 E . -21.37 -37.01 -19.92
C07 UK7 E . -21.46 -37.61 -21.17
C09 UK7 E . -20.96 -36.98 -23.50
C10 UK7 E . -22.35 -37.33 -24.02
C12 UK7 E . -20.68 -35.57 -21.44
C13 UK7 E . -20.87 -35.70 -20.09
C14 UK7 E . -20.57 -34.62 -19.21
C15 UK7 E . -20.08 -33.43 -19.72
C16 UK7 E . -19.87 -33.31 -21.10
C17 UK7 E . -19.33 -31.99 -21.67
C19 UK7 E . -20.16 -34.35 -21.95
C20 UK7 E . -22.88 -38.57 -18.67
C21 UK7 E . -23.27 -39.24 -17.52
C22 UK7 E . -22.58 -39.06 -16.33
N01 UK7 E . -19.39 -37.43 -15.14
N08 UK7 E . -21.04 -36.73 -22.06
N18 UK7 E . -20.19 -31.57 -22.78
O11 UK7 E . -23.08 -36.13 -24.11
S23 UK7 E . -21.28 -38.45 -13.58
ZN ZN F . -14.43 -11.27 5.39
ZN ZN G . -14.29 -14.43 7.66
ZN ZN H . -32.44 -33.01 -20.01
N SAM I . -29.11 -41.90 -10.58
CA SAM I . -27.81 -42.33 -10.10
C SAM I . -27.94 -43.63 -9.33
O SAM I . -26.98 -44.09 -8.70
OXT SAM I . -29.01 -44.25 -9.35
CB SAM I . -27.17 -41.24 -9.23
CG SAM I . -26.48 -40.14 -10.04
SD SAM I . -24.93 -40.72 -10.80
CE SAM I . -23.83 -39.35 -10.43
C5' SAM I . -25.16 -40.32 -12.56
C4' SAM I . -25.98 -41.37 -13.31
O4' SAM I . -27.33 -41.14 -13.01
C3' SAM I . -25.86 -41.17 -14.81
O3' SAM I . -24.75 -41.89 -15.32
C2' SAM I . -27.20 -41.68 -15.29
O2' SAM I . -27.15 -43.09 -15.41
C1' SAM I . -28.14 -41.29 -14.16
N9 SAM I . -28.72 -39.96 -14.41
C8 SAM I . -28.32 -38.76 -13.86
N7 SAM I . -29.11 -37.77 -14.37
C5 SAM I . -29.97 -38.32 -15.25
C6 SAM I . -30.96 -37.78 -16.06
N6 SAM I . -31.24 -36.49 -16.06
N1 SAM I . -31.70 -38.62 -16.86
C2 SAM I . -31.44 -39.97 -16.87
N3 SAM I . -30.45 -40.50 -16.07
C4 SAM I . -29.74 -39.69 -15.27
C02 UK7 J . -14.11 -9.18 -26.91
C03 UK7 J . -14.87 -9.45 -28.20
C04 UK7 J . -14.63 -8.66 -29.32
C05 UK7 J . -15.28 -8.89 -30.51
C06 UK7 J . -15.00 -8.02 -31.74
C07 UK7 J . -14.94 -8.51 -33.04
C09 UK7 J . -14.55 -7.60 -35.30
C10 UK7 J . -15.62 -6.75 -36.00
C12 UK7 J . -14.59 -6.31 -33.12
C13 UK7 J . -14.79 -6.62 -31.80
C14 UK7 J . -14.73 -5.59 -30.84
C15 UK7 J . -14.49 -4.27 -31.22
C16 UK7 J . -14.30 -3.96 -32.56
C17 UK7 J . -14.02 -2.52 -33.00
C19 UK7 J . -14.35 -4.97 -33.52
C20 UK7 J . -16.20 -9.92 -30.59
C21 UK7 J . -16.44 -10.72 -29.49
C22 UK7 J . -15.78 -10.50 -28.29
N01 UK7 J . -12.92 -8.36 -26.96
N08 UK7 J . -14.69 -7.48 -33.85
N18 UK7 J . -14.79 -2.23 -34.20
O11 UK7 J . -16.85 -7.39 -35.90
S23 UK7 J . -14.59 -9.79 -25.51
ZN ZN K . -14.22 16.44 -3.92
ZN ZN L . -13.04 13.20 -2.18
ZN ZN M . -26.64 -6.25 -31.71
N SAM N . -21.47 -14.93 -22.88
CA SAM N . -20.09 -15.12 -22.45
C SAM N . -19.92 -16.46 -21.74
O SAM N . -20.82 -17.30 -21.76
OXT SAM N . -18.87 -16.74 -21.16
CB SAM N . -19.64 -13.98 -21.53
CG SAM N . -19.27 -12.70 -22.27
SD SAM N . -17.67 -12.89 -23.07
CE SAM N . -16.82 -11.38 -22.53
C5' SAM N . -17.92 -12.46 -24.81
C4' SAM N . -18.55 -13.58 -25.61
O4' SAM N . -19.91 -13.68 -25.29
C3' SAM N . -18.48 -13.30 -27.11
O3' SAM N . -17.25 -13.73 -27.68
C2' SAM N . -19.69 -14.05 -27.62
O2' SAM N . -19.40 -15.42 -27.80
C1' SAM N . -20.67 -13.90 -26.47
N9 SAM N . -21.53 -12.72 -26.67
C8 SAM N . -21.43 -11.53 -25.99
N7 SAM N . -22.37 -10.67 -26.43
C5 SAM N . -23.09 -11.32 -27.38
C6 SAM N . -24.17 -10.92 -28.16
N6 SAM N . -24.69 -9.69 -28.05
N1 SAM N . -24.68 -11.81 -29.06
C2 SAM N . -24.16 -13.08 -29.21
N3 SAM N . -23.08 -13.49 -28.43
C4 SAM N . -22.57 -12.60 -27.54
C02 UK7 O . 9.32 2.68 26.08
C03 UK7 O . 10.09 2.80 27.38
C04 UK7 O . 10.35 4.06 27.93
C05 UK7 O . 11.05 4.14 29.13
C06 UK7 O . 11.34 5.49 29.77
C07 UK7 O . 11.29 5.69 31.14
C09 UK7 O . 11.61 7.53 32.73
C10 UK7 O . 12.97 8.13 33.07
C12 UK7 O . 11.83 7.61 30.22
C13 UK7 O . 11.67 6.72 29.18
C14 UK7 O . 11.89 7.16 27.85
C15 UK7 O . 12.24 8.48 27.58
C16 UK7 O . 12.38 9.39 28.63
C17 UK7 O . 12.77 10.85 28.36
C19 UK7 O . 12.19 8.97 29.94
C20 UK7 O . 11.47 2.99 29.77
C21 UK7 O . 11.23 1.75 29.21
C22 UK7 O . 10.53 1.64 28.02
N01 UK7 O . 8.55 3.81 25.61
N08 UK7 O . 11.58 6.96 31.39
N18 UK7 O . 13.62 11.31 29.44
O11 UK7 O . 13.87 7.06 33.16
S23 UK7 O . 9.32 1.31 25.25
ZN ZN P . 15.01 12.94 -6.19
ZN ZN Q . 12.90 9.78 -6.27
ZN ZN R . 22.65 2.23 29.57
N SAM S . 13.47 -6.83 25.82
CA SAM S . 12.08 -6.61 25.47
C SAM S . 11.33 -7.93 25.51
O SAM S . 10.21 -8.04 25.01
OXT SAM S . 11.87 -8.89 26.06
CB SAM S . 11.92 -5.95 24.09
CG SAM S . 12.09 -4.44 24.09
SD SAM S . 10.66 -3.57 24.77
CE SAM S . 10.36 -2.29 23.52
C5' SAM S . 11.38 -2.49 26.02
C4' SAM S . 11.63 -3.26 27.30
O4' SAM S . 12.79 -4.06 27.18
C3' SAM S . 11.88 -2.31 28.47
O3' SAM S . 10.66 -1.96 29.08
C2' SAM S . 12.83 -3.13 29.33
O2' SAM S . 12.12 -4.04 30.15
C1' SAM S . 13.60 -3.97 28.33
N9 SAM S . 14.85 -3.28 27.94
C8 SAM S . 15.05 -2.57 26.78
N7 SAM S . 16.31 -2.07 26.80
C5 SAM S . 16.89 -2.45 27.97
C6 SAM S . 18.14 -2.20 28.53
N6 SAM S . 19.09 -1.49 27.90
N1 SAM S . 18.42 -2.72 29.77
C2 SAM S . 17.50 -3.48 30.45
N3 SAM S . 16.26 -3.71 29.91
C4 SAM S . 15.98 -3.21 28.69
C02 UK7 T . 21.18 31.51 19.87
C03 UK7 T . 21.89 31.63 21.20
C04 UK7 T . 22.32 32.86 21.65
C05 UK7 T . 22.97 32.97 22.89
C06 UK7 T . 23.42 34.32 23.42
C07 UK7 T . 23.32 34.68 24.75
C09 UK7 T . 23.87 36.67 26.13
C10 UK7 T . 24.86 36.02 27.08
C12 UK7 T . 24.20 36.40 23.66
C13 UK7 T . 23.98 35.42 22.71
C14 UK7 T . 24.32 35.65 21.36
C15 UK7 T . 24.87 36.86 20.98
C16 UK7 T . 25.10 37.86 21.93
C17 UK7 T . 25.71 39.19 21.49
C19 UK7 T . 24.77 37.64 23.27
C20 UK7 T . 23.16 31.82 23.65
C21 UK7 T . 22.74 30.59 23.18
C22 UK7 T . 22.10 30.49 21.96
N01 UK7 T . 20.57 32.69 19.29
N08 UK7 T . 23.79 35.92 24.88
N18 UK7 T . 26.95 39.41 22.21
O11 UK7 T . 26.17 36.19 26.58
S23 UK7 T . 21.11 30.11 19.10
ZN ZN U . 30.52 36.61 -13.06
ZN ZN V . 27.49 34.20 -12.90
ZN ZN W . 34.02 29.28 24.33
N SAM X . 23.66 21.60 20.68
CA SAM X . 22.35 22.01 20.17
C SAM X . 21.34 20.88 20.24
O SAM X . 20.25 20.95 19.64
OXT SAM X . 21.58 19.87 20.91
CB SAM X . 22.46 22.53 18.74
CG SAM X . 22.87 24.00 18.67
SD SAM X . 21.52 25.12 19.11
CE SAM X . 21.64 26.30 17.74
C5' SAM X . 22.31 26.17 20.36
C4' SAM X . 22.37 25.50 21.72
O4' SAM X . 23.41 24.53 21.73
C3' SAM X . 22.70 26.49 22.83
O3' SAM X . 21.56 27.18 23.31
C2' SAM X . 23.34 25.60 23.87
O2' SAM X . 22.36 25.00 24.68
C1' SAM X . 24.06 24.56 23.00
N9 SAM X . 25.41 25.03 22.68
C8 SAM X . 25.83 25.52 21.45
N7 SAM X . 27.14 25.83 21.51
C5 SAM X . 27.59 25.55 22.76
C6 SAM X . 28.83 25.69 23.37
N6 SAM X . 29.89 26.18 22.73
N1 SAM X . 28.97 25.30 24.69
C2 SAM X . 27.88 24.81 25.38
N3 SAM X . 26.65 24.66 24.78
C4 SAM X . 26.50 25.04 23.49
#